data_5M0P
#
_entry.id   5M0P
#
_cell.length_a   51.880
_cell.length_b   110.120
_cell.length_c   164.850
_cell.angle_alpha   90.00
_cell.angle_beta   90.00
_cell.angle_gamma   90.00
#
_symmetry.space_group_name_H-M   'P 21 21 21'
#
loop_
_entity.id
_entity.type
_entity.pdbx_description
1 polymer 'Terminal olefin-forming fatty acid decarboxylase'
2 non-polymer 'PROTOPORPHYRIN IX CONTAINING FE'
3 non-polymer 'icosanoic acid'
4 non-polymer 'SODIUM ION'
5 water water
#
_entity_poly.entity_id   1
_entity_poly.type   'polypeptide(L)'
_entity_poly.pdbx_seq_one_letter_code
;HHHHHHMATLKRDKGLDNTLKVLKQGYLYTTNQRNRLNTSVFQTKALGGKPFVVVTGKEGAEMFYNNDVVQREGMLPKRI
VNTLAGKGAIHTVDGKKHVDRKALFMSLMTEGNLNYVRELTRTLWHANTQRMESMDEVNIYRESIVLLTKVGTRWAGVQA
PPEDIERIATDMDIMIDSFRALGGAFKGYKASKEARRRVEDWLEEQIIETRKGNIHPPEGTALYEFAHWEDYLGNPMDSR
TCAIDLMNTFRPLIAINRFVSFGLHAMNENPITREKIKSEPDYAYKFAQEVRRYYPFVPFLPGKAKVDIDFQGVTIPAGV
GLALDVYGTTHDESLWDDPNEFRPERFETWDGSPFDLIPQGGGDYWTNHRCAGEWITVIIMEETMKYFAEKITYDVPEQD
LEVDLNSIPGYVKSGFVIKNVREVVDRT
;
_entity_poly.pdbx_strand_id   A,B
#
loop_
_chem_comp.id
_chem_comp.type
_chem_comp.name
_chem_comp.formula
DCR non-polymer 'icosanoic acid' 'C20 H40 O2'
HEM non-polymer 'PROTOPORPHYRIN IX CONTAINING FE' 'C34 H32 Fe N4 O4'
NA non-polymer 'SODIUM ION' 'Na 1'
#
# COMPACT_ATOMS: atom_id res chain seq x y z
CA HIS A 5 -33.17 -32.55 24.24
C HIS A 5 -32.37 -31.50 24.98
N HIS A 6 -32.47 -30.25 24.51
CA HIS A 6 -33.31 -29.93 23.36
C HIS A 6 -32.57 -29.26 22.20
N MET A 7 -31.27 -29.01 22.35
CA MET A 7 -30.50 -28.32 21.31
C MET A 7 -29.54 -29.27 20.64
N ALA A 8 -28.80 -28.79 19.65
CA ALA A 8 -27.76 -29.60 19.04
C ALA A 8 -26.59 -29.74 20.02
N THR A 9 -25.74 -30.70 19.74
CA THR A 9 -24.67 -31.02 20.66
C THR A 9 -23.48 -30.06 20.50
N LEU A 10 -22.87 -29.68 21.61
CA LEU A 10 -21.82 -28.69 21.62
C LEU A 10 -20.50 -29.35 21.22
N LYS A 11 -19.95 -28.98 20.07
CA LYS A 11 -18.71 -29.59 19.59
C LYS A 11 -17.53 -29.16 20.44
N ARG A 12 -16.49 -29.99 20.43
CA ARG A 12 -15.36 -29.83 21.35
C ARG A 12 -14.04 -29.95 20.62
N ASP A 13 -13.09 -29.12 20.98
CA ASP A 13 -11.69 -29.39 20.68
C ASP A 13 -11.25 -30.35 21.77
N LYS A 14 -11.32 -31.65 21.46
CA LYS A 14 -11.20 -32.69 22.50
C LYS A 14 -9.88 -32.64 23.21
N GLY A 15 -9.92 -32.90 24.51
CA GLY A 15 -8.70 -33.03 25.29
C GLY A 15 -8.92 -32.58 26.73
N LEU A 16 -8.16 -33.17 27.65
CA LEU A 16 -8.27 -32.81 29.04
C LEU A 16 -7.79 -31.35 29.25
N ASP A 17 -6.75 -30.95 28.52
CA ASP A 17 -6.26 -29.57 28.60
C ASP A 17 -5.54 -29.21 27.31
N ASN A 18 -5.99 -28.14 26.68
CA ASN A 18 -5.42 -27.69 25.43
C ASN A 18 -4.61 -26.37 25.54
N THR A 19 -4.11 -26.04 26.72
CA THR A 19 -3.44 -24.77 26.93
C THR A 19 -2.26 -24.64 25.98
N LEU A 20 -1.45 -25.70 25.85
CA LEU A 20 -0.29 -25.62 24.98
C LEU A 20 -0.68 -25.43 23.52
N LYS A 21 -1.78 -26.05 23.12
CA LYS A 21 -2.27 -25.89 21.76
C LYS A 21 -2.73 -24.43 21.53
N VAL A 22 -3.45 -23.88 22.49
CA VAL A 22 -3.86 -22.50 22.42
C VAL A 22 -2.65 -21.59 22.30
N LEU A 23 -1.64 -21.83 23.10
CA LEU A 23 -0.44 -21.01 23.09
C LEU A 23 0.35 -21.10 21.79
N LYS A 24 0.30 -22.25 21.14
CA LYS A 24 1.05 -22.39 19.90
C LYS A 24 0.29 -21.83 18.71
N GLN A 25 -1.03 -21.84 18.74
CA GLN A 25 -1.81 -21.22 17.66
C GLN A 25 -2.14 -19.75 17.92
N GLY A 26 -2.12 -19.32 19.15
CA GLY A 26 -2.24 -17.91 19.48
C GLY A 26 -3.55 -17.30 19.07
N TYR A 27 -3.46 -16.16 18.38
CA TYR A 27 -4.64 -15.43 17.95
C TYR A 27 -5.46 -16.14 16.89
N LEU A 28 -4.92 -17.19 16.30
CA LEU A 28 -5.63 -17.97 15.28
C LEU A 28 -6.21 -19.28 15.82
N TYR A 29 -6.02 -19.57 17.10
CA TYR A 29 -6.53 -20.82 17.69
C TYR A 29 -8.04 -20.98 17.50
N THR A 30 -8.79 -19.94 17.85
CA THR A 30 -10.23 -20.06 17.81
C THR A 30 -10.74 -20.16 16.36
N THR A 31 -10.09 -19.43 15.44
CA THR A 31 -10.47 -19.52 14.02
C THR A 31 -10.16 -20.91 13.45
N ASN A 32 -8.99 -21.45 13.78
CA ASN A 32 -8.60 -22.75 13.35
C ASN A 32 -9.58 -23.81 13.84
N GLN A 33 -10.06 -23.69 15.08
CA GLN A 33 -10.97 -24.69 15.61
C GLN A 33 -12.34 -24.58 15.00
N ARG A 34 -12.83 -23.36 14.82
CA ARG A 34 -14.10 -23.15 14.17
C ARG A 34 -14.10 -23.71 12.75
N ASN A 35 -13.04 -23.47 11.99
CA ASN A 35 -12.92 -24.04 10.64
C ASN A 35 -12.76 -25.58 10.70
N ARG A 36 -11.96 -26.10 11.62
CA ARG A 36 -11.73 -27.52 11.67
C ARG A 36 -12.96 -28.26 12.11
N LEU A 37 -13.66 -27.75 13.11
CA LEU A 37 -14.88 -28.38 13.62
C LEU A 37 -16.12 -27.97 12.85
N ASN A 38 -15.99 -27.04 11.90
CA ASN A 38 -17.10 -26.50 11.12
C ASN A 38 -18.27 -26.04 11.99
N THR A 39 -18.03 -25.00 12.76
CA THR A 39 -19.02 -24.51 13.71
C THR A 39 -18.67 -23.07 14.09
N SER A 40 -19.66 -22.37 14.66
CA SER A 40 -19.47 -21.02 15.16
C SER A 40 -19.23 -20.99 16.67
N VAL A 41 -19.44 -22.11 17.36
CA VAL A 41 -19.27 -22.19 18.80
C VAL A 41 -18.75 -23.55 19.20
N PHE A 42 -17.76 -23.60 20.09
CA PHE A 42 -17.13 -24.84 20.49
C PHE A 42 -16.55 -24.72 21.88
N GLN A 43 -16.29 -25.87 22.50
CA GLN A 43 -15.76 -25.95 23.85
C GLN A 43 -14.35 -26.45 23.78
N THR A 44 -13.50 -25.90 24.64
CA THR A 44 -12.14 -26.37 24.82
C THR A 44 -11.80 -26.24 26.27
N LYS A 45 -10.82 -27.02 26.71
CA LYS A 45 -10.37 -26.99 28.10
C LYS A 45 -8.97 -26.40 28.17
N ALA A 46 -8.74 -25.58 29.20
CA ALA A 46 -7.47 -24.92 29.38
C ALA A 46 -7.30 -24.51 30.85
N LEU A 47 -6.08 -24.07 31.17
CA LEU A 47 -5.74 -23.58 32.52
C LEU A 47 -5.94 -24.66 33.54
N GLY A 48 -5.69 -25.91 33.15
CA GLY A 48 -5.79 -27.02 34.09
C GLY A 48 -7.08 -27.81 34.02
N GLY A 49 -7.61 -27.96 32.82
CA GLY A 49 -8.84 -28.72 32.62
C GLY A 49 -10.12 -27.95 32.78
N LYS A 50 -10.05 -26.62 32.82
CA LYS A 50 -11.26 -25.84 32.91
C LYS A 50 -11.94 -25.76 31.56
N PRO A 51 -13.24 -26.07 31.48
CA PRO A 51 -13.93 -25.98 30.19
C PRO A 51 -14.28 -24.56 29.85
N PHE A 52 -14.01 -24.16 28.62
CA PHE A 52 -14.42 -22.84 28.12
C PHE A 52 -15.18 -23.02 26.82
N VAL A 53 -16.35 -22.39 26.74
CA VAL A 53 -17.09 -22.27 25.50
C VAL A 53 -16.72 -20.96 24.78
N VAL A 54 -16.19 -21.05 23.57
CA VAL A 54 -15.71 -19.92 22.81
C VAL A 54 -16.85 -19.38 21.99
N VAL A 55 -17.22 -18.11 22.23
CA VAL A 55 -18.26 -17.46 21.47
C VAL A 55 -17.66 -16.25 20.72
N THR A 56 -18.30 -15.85 19.62
CA THR A 56 -17.73 -14.86 18.71
C THR A 56 -18.82 -14.12 18.00
N GLY A 57 -18.42 -13.04 17.31
CA GLY A 57 -19.37 -12.24 16.55
C GLY A 57 -20.21 -11.35 17.42
N LYS A 58 -21.12 -10.62 16.78
CA LYS A 58 -21.97 -9.73 17.55
C LYS A 58 -22.82 -10.51 18.56
N GLU A 59 -23.37 -11.65 18.17
CA GLU A 59 -24.20 -12.42 19.09
C GLU A 59 -23.40 -12.92 20.28
N GLY A 60 -22.19 -13.36 20.04
CA GLY A 60 -21.33 -13.77 21.12
C GLY A 60 -21.06 -12.63 22.10
N ALA A 61 -20.81 -11.45 21.56
CA ALA A 61 -20.44 -10.30 22.41
C ALA A 61 -21.64 -9.78 23.18
N GLU A 62 -22.80 -9.63 22.51
CA GLU A 62 -23.97 -9.22 23.23
C GLU A 62 -24.42 -10.22 24.29
N MET A 63 -24.21 -11.51 24.08
CA MET A 63 -24.52 -12.46 25.13
C MET A 63 -23.46 -12.39 26.25
N PHE A 64 -22.19 -12.25 25.90
CA PHE A 64 -21.12 -12.27 26.90
C PHE A 64 -21.26 -11.11 27.88
N TYR A 65 -21.89 -10.01 27.44
CA TYR A 65 -22.04 -8.85 28.25
C TYR A 65 -23.43 -8.71 28.85
N ASN A 66 -24.22 -9.77 28.80
CA ASN A 66 -25.49 -9.85 29.53
C ASN A 66 -25.19 -10.28 30.97
N ASN A 67 -25.25 -9.33 31.89
CA ASN A 67 -24.86 -9.56 33.28
C ASN A 67 -25.82 -10.51 33.98
N ASP A 68 -27.01 -10.74 33.41
CA ASP A 68 -27.96 -11.67 33.99
C ASP A 68 -27.58 -13.11 33.82
N VAL A 69 -26.74 -13.42 32.85
CA VAL A 69 -26.38 -14.79 32.56
C VAL A 69 -24.90 -15.05 32.58
N VAL A 70 -24.07 -13.98 32.51
CA VAL A 70 -22.63 -14.15 32.43
C VAL A 70 -22.01 -13.52 33.66
N GLN A 71 -21.12 -14.27 34.30
CA GLN A 71 -20.39 -13.82 35.48
C GLN A 71 -18.93 -13.64 35.16
N ARG A 72 -18.35 -12.49 35.58
CA ARG A 72 -16.93 -12.22 35.37
C ARG A 72 -16.09 -12.44 36.63
N GLU A 73 -16.74 -12.49 37.79
CA GLU A 73 -16.10 -12.77 39.09
C GLU A 73 -15.19 -13.98 39.07
N GLY A 74 -13.95 -13.77 39.46
CA GLY A 74 -13.02 -14.86 39.65
C GLY A 74 -12.57 -15.55 38.38
N MET A 75 -12.88 -15.00 37.20
CA MET A 75 -12.52 -15.68 35.95
C MET A 75 -11.23 -15.22 35.33
N LEU A 76 -10.74 -14.05 35.70
CA LEU A 76 -9.37 -13.70 35.27
C LEU A 76 -8.41 -14.62 36.02
N PRO A 77 -7.50 -15.31 35.31
CA PRO A 77 -6.52 -16.17 35.96
C PRO A 77 -5.75 -15.44 37.07
N LYS A 78 -5.57 -16.11 38.19
CA LYS A 78 -5.00 -15.48 39.34
C LYS A 78 -3.65 -14.84 39.08
N ARG A 79 -2.81 -15.47 38.27
CA ARG A 79 -1.50 -14.88 38.02
C ARG A 79 -1.61 -13.58 37.24
N ILE A 80 -2.60 -13.48 36.36
CA ILE A 80 -2.84 -12.26 35.62
C ILE A 80 -3.38 -11.17 36.55
N VAL A 81 -4.24 -11.53 37.49
CA VAL A 81 -4.64 -10.60 38.53
C VAL A 81 -3.42 -10.14 39.33
N ASN A 82 -2.50 -11.07 39.67
CA ASN A 82 -1.36 -10.71 40.48
C ASN A 82 -0.36 -9.80 39.79
N THR A 83 -0.31 -9.81 38.47
CA THR A 83 0.70 -9.04 37.76
C THR A 83 0.12 -7.90 36.97
N LEU A 84 -0.99 -8.12 36.25
CA LEU A 84 -1.51 -7.15 35.30
C LEU A 84 -2.55 -6.23 35.94
N ALA A 85 -3.61 -6.78 36.50
CA ALA A 85 -4.69 -5.96 37.03
C ALA A 85 -4.46 -5.49 38.46
N GLY A 86 -3.91 -6.35 39.30
CA GLY A 86 -3.76 -6.03 40.69
C GLY A 86 -4.88 -6.62 41.53
N LYS A 87 -4.54 -7.05 42.74
CA LYS A 87 -5.51 -7.65 43.64
C LYS A 87 -6.60 -6.65 44.00
N GLY A 88 -7.84 -7.07 43.88
CA GLY A 88 -8.95 -6.22 44.23
C GLY A 88 -9.18 -5.06 43.29
N ALA A 89 -8.56 -5.09 42.12
CA ALA A 89 -8.78 -4.08 41.10
C ALA A 89 -10.22 -4.08 40.57
N ILE A 90 -10.55 -2.99 39.86
CA ILE A 90 -11.86 -2.85 39.27
C ILE A 90 -12.22 -4.07 38.41
N HIS A 91 -11.24 -4.71 37.78
CA HIS A 91 -11.50 -5.86 36.90
C HIS A 91 -12.07 -7.05 37.70
N THR A 92 -11.76 -7.12 38.99
CA THR A 92 -12.06 -8.29 39.80
C THR A 92 -13.37 -8.18 40.59
N VAL A 93 -14.07 -7.06 40.53
CA VAL A 93 -15.32 -6.87 41.24
C VAL A 93 -16.50 -6.87 40.27
N ASP A 94 -17.67 -7.22 40.79
CA ASP A 94 -18.95 -7.29 40.02
C ASP A 94 -20.04 -6.58 40.82
N GLY A 95 -21.23 -6.50 40.23
CA GLY A 95 -22.40 -5.95 40.91
C GLY A 95 -22.35 -4.47 41.21
N LYS A 96 -23.07 -4.06 42.26
N LYS A 96 -23.10 -4.06 42.24
CA LYS A 96 -23.12 -2.66 42.63
CA LYS A 96 -23.12 -2.67 42.67
C LYS A 96 -21.73 -2.09 42.98
C LYS A 96 -21.72 -2.11 42.92
N LYS A 97 -20.87 -2.89 43.62
CA LYS A 97 -19.53 -2.44 43.91
C LYS A 97 -18.77 -2.06 42.62
N HIS A 98 -18.92 -2.87 41.58
CA HIS A 98 -18.26 -2.57 40.31
C HIS A 98 -18.87 -1.33 39.65
N VAL A 99 -20.18 -1.27 39.59
CA VAL A 99 -20.87 -0.14 38.94
C VAL A 99 -20.51 1.16 39.62
N ASP A 100 -20.46 1.14 40.94
CA ASP A 100 -20.06 2.31 41.70
C ASP A 100 -18.63 2.76 41.38
N ARG A 101 -17.70 1.84 41.41
CA ARG A 101 -16.34 2.18 41.14
C ARG A 101 -16.06 2.48 39.68
N LYS A 102 -16.74 1.80 38.76
CA LYS A 102 -16.60 2.12 37.35
C LYS A 102 -17.03 3.56 37.03
N ALA A 103 -18.05 4.06 37.73
CA ALA A 103 -18.45 5.45 37.52
C ALA A 103 -17.34 6.41 37.88
N LEU A 104 -16.53 6.07 38.86
CA LEU A 104 -15.36 6.89 39.18
C LEU A 104 -14.37 6.93 38.01
N PHE A 105 -14.03 5.77 37.46
CA PHE A 105 -13.16 5.71 36.27
C PHE A 105 -13.72 6.54 35.15
N MET A 106 -15.01 6.39 34.84
CA MET A 106 -15.60 7.09 33.72
C MET A 106 -15.69 8.63 33.96
N SER A 107 -15.77 9.05 35.22
CA SER A 107 -15.86 10.46 35.52
C SER A 107 -14.58 11.20 35.14
N LEU A 108 -13.44 10.50 34.97
CA LEU A 108 -12.23 11.12 34.50
C LEU A 108 -12.28 11.50 32.99
N MET A 109 -13.20 10.92 32.23
CA MET A 109 -13.18 11.03 30.77
C MET A 109 -14.03 12.21 30.30
N THR A 110 -13.78 13.37 30.87
CA THR A 110 -14.47 14.58 30.51
C THR A 110 -13.89 15.18 29.22
N GLU A 111 -14.64 16.09 28.65
CA GLU A 111 -14.19 16.80 27.43
C GLU A 111 -12.88 17.52 27.69
N GLY A 112 -12.77 18.17 28.84
CA GLY A 112 -11.53 18.89 29.16
C GLY A 112 -10.34 17.97 29.46
N ASN A 113 -10.57 16.88 30.18
CA ASN A 113 -9.53 15.93 30.44
C ASN A 113 -9.07 15.18 29.19
N LEU A 114 -10.00 14.90 28.27
CA LEU A 114 -9.63 14.29 27.02
C LEU A 114 -8.86 15.25 26.14
N ASN A 115 -9.28 16.52 26.10
N ASN A 115 -9.29 16.52 26.09
CA ASN A 115 -8.52 17.52 25.38
CA ASN A 115 -8.54 17.52 25.38
C ASN A 115 -7.12 17.69 25.97
C ASN A 115 -7.13 17.68 25.97
N TYR A 116 -7.00 17.54 27.29
CA TYR A 116 -5.69 17.66 27.94
C TYR A 116 -4.74 16.54 27.49
N VAL A 117 -5.22 15.30 27.45
CA VAL A 117 -4.34 14.22 27.01
C VAL A 117 -3.95 14.38 25.55
N ARG A 118 -4.84 14.93 24.74
CA ARG A 118 -4.51 15.24 23.33
C ARG A 118 -3.36 16.27 23.23
N GLU A 119 -3.43 17.31 24.03
CA GLU A 119 -2.40 18.34 24.02
C GLU A 119 -1.09 17.88 24.61
N LEU A 120 -1.14 17.11 25.68
CA LEU A 120 0.08 16.55 26.24
C LEU A 120 0.80 15.72 25.20
N THR A 121 0.08 14.86 24.51
CA THR A 121 0.68 13.95 23.51
C THR A 121 1.30 14.72 22.36
N ARG A 122 0.57 15.74 21.86
CA ARG A 122 1.07 16.52 20.78
C ARG A 122 2.34 17.27 21.18
N THR A 123 2.33 17.88 22.36
CA THR A 123 3.46 18.66 22.83
C THR A 123 4.70 17.77 23.01
N LEU A 124 4.52 16.59 23.60
CA LEU A 124 5.68 15.75 23.87
C LEU A 124 6.32 15.17 22.62
N TRP A 125 5.53 14.80 21.62
CA TRP A 125 6.12 14.41 20.32
C TRP A 125 6.83 15.58 19.66
N HIS A 126 6.19 16.76 19.61
CA HIS A 126 6.84 17.95 19.07
C HIS A 126 8.17 18.23 19.76
N ALA A 127 8.22 18.11 21.10
CA ALA A 127 9.43 18.34 21.86
C ALA A 127 10.47 17.26 21.68
N ASN A 128 10.07 16.08 21.23
CA ASN A 128 10.96 14.96 21.10
C ASN A 128 11.68 14.91 19.76
N THR A 129 11.34 15.79 18.84
CA THR A 129 11.88 15.69 17.47
C THR A 129 13.39 15.74 17.42
N GLN A 130 13.98 16.71 18.10
CA GLN A 130 15.44 16.85 18.09
C GLN A 130 16.11 15.60 18.63
N ARG A 131 15.58 15.04 19.70
CA ARG A 131 16.20 13.83 20.30
C ARG A 131 16.22 12.67 19.29
N MET A 132 15.12 12.49 18.57
CA MET A 132 15.04 11.38 17.61
C MET A 132 15.96 11.61 16.39
N GLU A 133 16.14 12.87 16.01
CA GLU A 133 17.10 13.21 14.94
C GLU A 133 18.53 12.84 15.32
N SER A 134 18.87 12.96 16.60
CA SER A 134 20.21 12.72 17.06
C SER A 134 20.54 11.23 17.22
N MET A 135 19.52 10.39 17.35
CA MET A 135 19.71 8.96 17.55
C MET A 135 19.99 8.29 16.21
N ASP A 136 20.83 7.28 16.23
CA ASP A 136 21.21 6.62 15.01
C ASP A 136 20.06 5.76 14.49
N GLU A 137 19.40 5.07 15.42
CA GLU A 137 18.09 4.50 15.10
C GLU A 137 17.16 4.63 16.30
N VAL A 138 15.86 4.61 16.03
CA VAL A 138 14.84 4.79 17.06
C VAL A 138 13.93 3.56 17.07
N ASN A 139 13.94 2.81 18.17
CA ASN A 139 12.99 1.72 18.36
C ASN A 139 11.69 2.35 18.83
N ILE A 140 10.69 2.38 17.95
CA ILE A 140 9.46 3.07 18.22
C ILE A 140 8.68 2.46 19.38
N TYR A 141 8.70 1.12 19.53
CA TYR A 141 8.09 0.48 20.66
C TYR A 141 8.65 1.03 21.97
N ARG A 142 9.96 1.18 22.05
CA ARG A 142 10.58 1.68 23.29
C ARG A 142 10.46 3.22 23.44
N GLU A 143 10.60 3.97 22.34
CA GLU A 143 10.56 5.42 22.44
C GLU A 143 9.15 5.88 22.80
N SER A 144 8.12 5.27 22.21
CA SER A 144 6.76 5.66 22.53
C SER A 144 6.36 5.26 23.95
N ILE A 145 6.84 4.12 24.45
CA ILE A 145 6.48 3.72 25.80
C ILE A 145 7.09 4.67 26.86
N VAL A 146 8.29 5.18 26.61
CA VAL A 146 8.86 6.20 27.47
C VAL A 146 8.10 7.53 27.38
N LEU A 147 7.78 7.97 26.17
CA LEU A 147 7.00 9.20 25.99
C LEU A 147 5.61 9.07 26.60
N LEU A 148 4.97 7.92 26.41
CA LEU A 148 3.65 7.74 26.97
C LEU A 148 3.65 7.59 28.48
N THR A 149 4.77 7.15 29.05
CA THR A 149 4.93 7.18 30.50
C THR A 149 4.92 8.61 31.04
N LYS A 150 5.52 9.54 30.29
CA LYS A 150 5.46 10.95 30.64
C LYS A 150 4.04 11.49 30.49
N VAL A 151 3.36 11.13 29.40
CA VAL A 151 1.98 11.55 29.19
C VAL A 151 1.08 11.01 30.29
N GLY A 152 1.17 9.70 30.54
CA GLY A 152 0.23 9.04 31.40
C GLY A 152 0.35 9.48 32.86
N THR A 153 1.57 9.52 33.38
CA THR A 153 1.75 9.97 34.74
C THR A 153 1.22 11.40 34.94
N ARG A 154 1.53 12.31 34.01
CA ARG A 154 1.08 13.67 34.13
C ARG A 154 -0.44 13.81 33.98
N TRP A 155 -1.03 13.09 33.05
CA TRP A 155 -2.47 13.12 32.91
C TRP A 155 -3.16 12.61 34.18
N ALA A 156 -2.60 11.57 34.82
CA ALA A 156 -3.16 11.04 36.02
C ALA A 156 -2.91 11.91 37.24
N GLY A 157 -2.11 12.96 37.11
CA GLY A 157 -1.78 13.81 38.24
C GLY A 157 -0.69 13.30 39.15
N VAL A 158 0.05 12.32 38.66
CA VAL A 158 1.09 11.61 39.46
C VAL A 158 2.46 12.18 39.08
N GLN A 159 3.18 12.64 40.08
CA GLN A 159 4.49 13.24 39.87
C GLN A 159 5.56 12.18 39.63
N ALA A 160 6.18 12.23 38.48
CA ALA A 160 7.23 11.28 38.12
C ALA A 160 8.46 12.07 37.68
N PRO A 161 9.51 12.09 38.52
CA PRO A 161 10.71 12.79 38.14
C PRO A 161 11.33 12.20 36.87
N PRO A 162 11.94 13.05 36.04
CA PRO A 162 12.47 12.58 34.75
C PRO A 162 13.50 11.47 34.88
N GLU A 163 14.28 11.46 35.98
CA GLU A 163 15.28 10.42 36.20
C GLU A 163 14.69 9.04 36.49
N ASP A 164 13.39 8.98 36.81
CA ASP A 164 12.71 7.70 37.10
C ASP A 164 11.85 7.19 35.94
N ILE A 165 11.73 7.96 34.89
CA ILE A 165 10.77 7.61 33.80
C ILE A 165 11.13 6.31 33.12
N GLU A 166 12.41 6.11 32.81
CA GLU A 166 12.84 4.89 32.13
C GLU A 166 12.55 3.67 33.00
N ARG A 167 12.84 3.75 34.30
CA ARG A 167 12.49 2.68 35.25
C ARG A 167 10.99 2.38 35.25
N ILE A 168 10.18 3.41 35.35
CA ILE A 168 8.72 3.23 35.39
C ILE A 168 8.22 2.58 34.09
N ALA A 169 8.69 3.08 32.96
CA ALA A 169 8.31 2.55 31.66
C ALA A 169 8.62 1.05 31.58
N THR A 170 9.83 0.66 32.01
CA THR A 170 10.24 -0.73 31.98
C THR A 170 9.33 -1.56 32.87
N ASP A 171 9.03 -1.06 34.06
CA ASP A 171 8.14 -1.82 34.97
C ASP A 171 6.74 -1.96 34.40
N MET A 172 6.23 -0.89 33.77
CA MET A 172 4.94 -0.99 33.15
C MET A 172 4.97 -2.00 32.00
N ASP A 173 6.02 -1.97 31.18
CA ASP A 173 6.18 -2.86 30.08
C ASP A 173 6.08 -4.33 30.54
N ILE A 174 6.72 -4.66 31.64
CA ILE A 174 6.72 -6.01 32.15
C ILE A 174 5.32 -6.44 32.56
N MET A 175 4.59 -5.55 33.24
CA MET A 175 3.24 -5.86 33.69
C MET A 175 2.29 -6.04 32.53
N ILE A 176 2.39 -5.17 31.51
CA ILE A 176 1.51 -5.25 30.38
C ILE A 176 1.72 -6.58 29.61
N ASP A 177 2.97 -7.06 29.56
CA ASP A 177 3.28 -8.26 28.82
C ASP A 177 2.82 -9.51 29.55
N SER A 178 2.46 -9.40 30.83
CA SER A 178 2.37 -10.54 31.74
C SER A 178 1.12 -11.39 31.54
N PHE A 179 0.28 -11.09 30.55
CA PHE A 179 -0.77 -12.02 30.15
C PHE A 179 -0.31 -13.09 29.12
N ARG A 180 0.98 -13.15 28.82
CA ARG A 180 1.48 -14.00 27.74
C ARG A 180 1.27 -15.50 28.01
N ALA A 181 1.31 -15.91 29.28
CA ALA A 181 1.14 -17.32 29.62
C ALA A 181 -0.31 -17.66 29.91
N LEU A 182 -1.23 -16.72 29.66
CA LEU A 182 -2.67 -16.91 29.91
C LEU A 182 -3.00 -17.35 31.34
N GLY A 183 -2.14 -17.00 32.28
CA GLY A 183 -2.33 -17.36 33.66
C GLY A 183 -1.51 -18.51 34.17
N GLY A 184 -0.81 -19.21 33.27
CA GLY A 184 0.12 -20.24 33.63
C GLY A 184 1.44 -19.73 34.19
N ALA A 185 2.19 -20.63 34.75
CA ALA A 185 3.51 -20.25 35.27
C ALA A 185 4.46 -19.92 34.12
N PHE A 186 5.36 -18.96 34.36
CA PHE A 186 6.28 -18.56 33.33
C PHE A 186 7.50 -17.93 33.98
N LYS A 187 8.58 -17.84 33.23
CA LYS A 187 9.90 -17.54 33.80
C LYS A 187 9.90 -16.17 34.48
N GLY A 188 9.32 -15.17 33.82
CA GLY A 188 9.29 -13.82 34.35
C GLY A 188 8.13 -13.48 35.28
N TYR A 189 7.50 -14.48 35.89
CA TYR A 189 6.40 -14.21 36.81
C TYR A 189 6.86 -13.41 38.04
N LYS A 190 8.00 -13.78 38.64
CA LYS A 190 8.45 -13.08 39.83
C LYS A 190 8.91 -11.67 39.50
N ALA A 191 9.64 -11.53 38.38
CA ALA A 191 10.03 -10.20 37.94
C ALA A 191 8.80 -9.31 37.74
N SER A 192 7.68 -9.89 37.25
CA SER A 192 6.45 -9.13 37.04
C SER A 192 5.80 -8.68 38.33
N LYS A 193 5.77 -9.56 39.33
CA LYS A 193 5.25 -9.19 40.66
C LYS A 193 6.14 -8.16 41.32
N GLU A 194 7.46 -8.27 41.16
CA GLU A 194 8.36 -7.28 41.73
C GLU A 194 8.18 -5.90 41.09
N ALA A 195 8.01 -5.88 39.77
CA ALA A 195 7.76 -4.63 39.09
C ALA A 195 6.46 -4.00 39.59
N ARG A 196 5.41 -4.81 39.72
CA ARG A 196 4.13 -4.31 40.21
C ARG A 196 4.26 -3.73 41.61
N ARG A 197 5.02 -4.40 42.46
CA ARG A 197 5.15 -3.91 43.86
C ARG A 197 5.87 -2.59 43.94
N ARG A 198 6.91 -2.42 43.12
CA ARG A 198 7.60 -1.12 43.07
C ARG A 198 6.63 0.01 42.66
N VAL A 199 5.83 -0.22 41.61
CA VAL A 199 4.89 0.78 41.17
C VAL A 199 3.78 1.00 42.19
N GLU A 200 3.25 -0.06 42.76
CA GLU A 200 2.25 0.06 43.83
C GLU A 200 2.78 0.85 45.04
N ASP A 201 4.01 0.57 45.48
CA ASP A 201 4.55 1.29 46.61
C ASP A 201 4.61 2.79 46.29
N TRP A 202 5.05 3.11 45.09
CA TRP A 202 5.20 4.47 44.68
C TRP A 202 3.86 5.20 44.66
N LEU A 203 2.82 4.57 44.10
CA LEU A 203 1.53 5.22 44.00
C LEU A 203 0.86 5.33 45.36
N GLU A 204 1.03 4.34 46.23
CA GLU A 204 0.39 4.37 47.55
C GLU A 204 0.93 5.53 48.34
N GLU A 205 2.22 5.81 48.22
CA GLU A 205 2.79 7.01 48.85
C GLU A 205 2.15 8.31 48.40
N GLN A 206 1.87 8.40 47.10
CA GLN A 206 1.23 9.58 46.58
C GLN A 206 -0.21 9.77 47.10
N ILE A 207 -0.95 8.67 47.23
CA ILE A 207 -2.29 8.72 47.74
C ILE A 207 -2.29 9.11 49.21
N ILE A 208 -1.37 8.55 49.98
CA ILE A 208 -1.29 8.87 51.38
C ILE A 208 -0.97 10.35 51.57
N GLU A 209 0.05 10.82 50.83
CA GLU A 209 0.42 12.22 50.93
C GLU A 209 -0.66 13.15 50.46
N THR A 210 -1.50 12.70 49.53
CA THR A 210 -2.61 13.50 49.07
C THR A 210 -3.65 13.59 50.20
N ARG A 211 -4.00 12.45 50.81
CA ARG A 211 -4.98 12.41 51.87
C ARG A 211 -4.51 13.20 53.13
N LYS A 212 -3.20 13.26 53.37
CA LYS A 212 -2.64 14.00 54.51
C LYS A 212 -2.55 15.50 54.25
N GLY A 213 -2.77 15.93 53.00
CA GLY A 213 -2.65 17.34 52.67
C GLY A 213 -1.23 17.82 52.46
N ASN A 214 -0.28 16.90 52.25
CA ASN A 214 1.10 17.25 52.00
C ASN A 214 1.36 17.58 50.54
N ILE A 215 0.60 16.98 49.61
CA ILE A 215 0.61 17.39 48.20
C ILE A 215 -0.81 17.70 47.77
N HIS A 216 -0.91 18.50 46.73
CA HIS A 216 -2.19 18.97 46.24
C HIS A 216 -2.30 18.74 44.75
N PRO A 217 -2.59 17.50 44.32
CA PRO A 217 -2.83 17.24 42.89
C PRO A 217 -4.06 17.99 42.41
N PRO A 218 -4.09 18.38 41.15
CA PRO A 218 -5.20 19.19 40.69
C PRO A 218 -6.51 18.43 40.71
N GLU A 219 -7.57 19.14 41.03
CA GLU A 219 -8.91 18.58 40.98
C GLU A 219 -9.21 18.06 39.57
N GLY A 220 -9.87 16.91 39.49
CA GLY A 220 -10.15 16.27 38.23
C GLY A 220 -9.08 15.29 37.71
N THR A 221 -7.91 15.23 38.33
CA THR A 221 -6.95 14.22 37.97
C THR A 221 -7.27 12.93 38.68
N ALA A 222 -6.76 11.83 38.13
CA ALA A 222 -6.98 10.52 38.73
C ALA A 222 -6.50 10.46 40.19
N LEU A 223 -5.31 11.00 40.46
CA LEU A 223 -4.75 10.95 41.81
C LEU A 223 -5.68 11.64 42.80
N TYR A 224 -6.14 12.83 42.44
CA TYR A 224 -7.02 13.57 43.31
C TYR A 224 -8.34 12.85 43.55
N GLU A 225 -9.03 12.47 42.46
CA GLU A 225 -10.36 11.91 42.56
C GLU A 225 -10.34 10.55 43.27
N PHE A 226 -9.34 9.73 42.99
CA PHE A 226 -9.24 8.43 43.63
C PHE A 226 -8.92 8.55 45.10
N ALA A 227 -8.01 9.43 45.45
CA ALA A 227 -7.62 9.58 46.88
C ALA A 227 -8.80 10.08 47.72
N HIS A 228 -9.67 10.91 47.15
CA HIS A 228 -10.77 11.53 47.91
C HIS A 228 -12.11 10.81 47.75
N TRP A 229 -12.17 9.79 46.90
CA TRP A 229 -13.44 9.13 46.59
C TRP A 229 -13.94 8.28 47.77
N GLU A 230 -15.24 8.26 47.93
CA GLU A 230 -15.92 7.28 48.82
C GLU A 230 -16.88 6.45 47.97
N ASP A 231 -16.98 5.17 48.27
CA ASP A 231 -17.91 4.30 47.59
C ASP A 231 -19.33 4.59 48.08
N TYR A 232 -20.30 3.89 47.50
CA TYR A 232 -21.70 4.19 47.73
C TYR A 232 -22.13 3.91 49.17
N LEU A 233 -21.31 3.18 49.92
CA LEU A 233 -21.55 2.99 51.34
C LEU A 233 -20.82 3.99 52.24
N GLY A 234 -20.08 4.92 51.67
CA GLY A 234 -19.37 5.94 52.42
C GLY A 234 -17.94 5.65 52.74
N ASN A 235 -17.38 4.55 52.24
CA ASN A 235 -16.05 4.17 52.61
C ASN A 235 -15.06 4.46 51.47
N PRO A 236 -13.95 5.11 51.78
CA PRO A 236 -12.89 5.28 50.76
C PRO A 236 -12.18 3.97 50.52
N MET A 237 -11.51 3.87 49.39
CA MET A 237 -10.65 2.71 49.15
C MET A 237 -9.47 2.76 50.11
N ASP A 238 -9.05 1.60 50.63
CA ASP A 238 -7.83 1.61 51.41
C ASP A 238 -6.70 2.01 50.47
N SER A 239 -5.62 2.51 51.06
CA SER A 239 -4.55 3.11 50.31
C SER A 239 -3.94 2.18 49.29
N ARG A 240 -3.84 0.90 49.61
CA ARG A 240 -3.21 -0.04 48.69
C ARG A 240 -4.14 -0.30 47.51
N THR A 241 -5.41 -0.55 47.79
CA THR A 241 -6.39 -0.78 46.72
C THR A 241 -6.54 0.48 45.85
N CYS A 242 -6.54 1.65 46.49
CA CYS A 242 -6.56 2.90 45.77
C CYS A 242 -5.36 3.00 44.83
N ALA A 243 -4.19 2.59 45.28
CA ALA A 243 -2.99 2.66 44.45
C ALA A 243 -3.07 1.72 43.25
N ILE A 244 -3.68 0.55 43.47
CA ILE A 244 -3.87 -0.41 42.44
C ILE A 244 -4.78 0.12 41.34
N ASP A 245 -5.93 0.65 41.72
CA ASP A 245 -6.84 1.17 40.74
C ASP A 245 -6.37 2.49 40.12
N LEU A 246 -5.61 3.27 40.85
CA LEU A 246 -4.95 4.43 40.28
C LEU A 246 -3.98 4.00 39.16
N MET A 247 -3.29 2.89 39.34
CA MET A 247 -2.44 2.41 38.25
C MET A 247 -3.28 1.99 37.04
N ASN A 248 -4.49 1.51 37.27
CA ASN A 248 -5.36 1.13 36.20
C ASN A 248 -5.81 2.29 35.35
N THR A 249 -5.56 3.53 35.79
CA THR A 249 -5.92 4.68 35.02
C THR A 249 -4.87 5.11 34.01
N PHE A 250 -3.61 4.64 34.11
CA PHE A 250 -2.58 5.06 33.19
C PHE A 250 -1.57 4.02 32.75
N ARG A 251 -1.42 2.89 33.45
CA ARG A 251 -0.65 1.77 32.87
C ARG A 251 -1.19 1.38 31.49
N PRO A 252 -2.52 1.21 31.31
CA PRO A 252 -2.98 0.87 29.98
C PRO A 252 -2.82 2.01 28.98
N LEU A 253 -2.77 3.26 29.46
CA LEU A 253 -2.39 4.40 28.57
C LEU A 253 -0.97 4.19 28.06
N ILE A 254 -0.06 3.79 28.93
CA ILE A 254 1.28 3.47 28.55
C ILE A 254 1.31 2.28 27.55
N ALA A 255 0.37 1.34 27.68
CA ALA A 255 0.28 0.21 26.80
C ALA A 255 -0.09 0.60 25.36
N ILE A 256 -0.58 1.83 25.14
CA ILE A 256 -0.82 2.30 23.81
C ILE A 256 0.44 2.22 22.94
N ASN A 257 1.61 2.15 23.54
CA ASN A 257 2.85 1.96 22.76
C ASN A 257 2.78 0.75 21.84
N ARG A 258 2.03 -0.29 22.23
CA ARG A 258 1.77 -1.42 21.32
C ARG A 258 1.07 -0.98 20.04
N PHE A 259 0.06 -0.12 20.17
CA PHE A 259 -0.67 0.37 19.00
C PHE A 259 0.12 1.41 18.20
N VAL A 260 1.01 2.15 18.84
CA VAL A 260 1.86 3.10 18.13
C VAL A 260 2.81 2.30 17.20
N SER A 261 3.46 1.29 17.74
CA SER A 261 4.32 0.40 16.93
C SER A 261 3.54 -0.23 15.76
N PHE A 262 2.31 -0.63 16.01
CA PHE A 262 1.46 -1.21 14.97
C PHE A 262 1.06 -0.17 13.95
N GLY A 263 0.80 1.06 14.41
CA GLY A 263 0.36 2.12 13.49
C GLY A 263 1.43 2.51 12.47
N LEU A 264 2.68 2.60 12.91
CA LEU A 264 3.77 2.87 12.01
C LEU A 264 3.98 1.69 11.08
N HIS A 265 3.82 0.48 11.63
CA HIS A 265 3.85 -0.72 10.82
C HIS A 265 2.80 -0.64 9.71
N ALA A 266 1.58 -0.27 10.04
CA ALA A 266 0.53 -0.11 9.05
C ALA A 266 0.84 0.99 8.01
N MET A 267 1.43 2.06 8.46
CA MET A 267 1.74 3.17 7.56
C MET A 267 2.83 2.76 6.57
N ASN A 268 3.78 1.96 7.02
CA ASN A 268 4.85 1.54 6.18
C ASN A 268 4.31 0.57 5.13
N GLU A 269 3.30 -0.19 5.52
CA GLU A 269 2.77 -1.25 4.74
C GLU A 269 1.71 -0.77 3.75
N ASN A 270 1.09 0.37 4.03
CA ASN A 270 0.06 0.97 3.20
C ASN A 270 0.47 2.42 2.95
N PRO A 271 1.43 2.63 2.05
CA PRO A 271 2.11 3.95 1.95
C PRO A 271 1.20 5.15 1.71
N ILE A 272 0.11 4.96 0.97
CA ILE A 272 -0.79 6.04 0.71
C ILE A 272 -1.48 6.61 1.96
N THR A 273 -1.56 5.80 3.01
CA THR A 273 -2.18 6.27 4.25
C THR A 273 -1.48 7.50 4.82
N ARG A 274 -0.18 7.61 4.62
CA ARG A 274 0.58 8.76 5.07
C ARG A 274 0.03 10.06 4.53
N GLU A 275 -0.18 10.13 3.23
CA GLU A 275 -0.73 11.34 2.61
C GLU A 275 -2.15 11.62 3.06
N LYS A 276 -2.96 10.59 3.25
CA LYS A 276 -4.33 10.85 3.64
C LYS A 276 -4.47 11.27 5.10
N ILE A 277 -3.57 10.79 5.96
CA ILE A 277 -3.57 11.29 7.36
C ILE A 277 -3.24 12.80 7.37
N LYS A 278 -2.37 13.23 6.46
CA LYS A 278 -2.03 14.65 6.32
C LYS A 278 -3.19 15.47 5.77
N SER A 279 -3.82 14.98 4.70
CA SER A 279 -4.70 15.83 3.92
C SER A 279 -6.18 15.68 4.21
N GLU A 280 -6.64 14.54 4.71
CA GLU A 280 -8.09 14.33 4.96
C GLU A 280 -8.37 14.45 6.42
N PRO A 281 -9.26 15.37 6.80
CA PRO A 281 -9.36 15.70 8.24
C PRO A 281 -9.80 14.52 9.14
N ASP A 282 -10.79 13.75 8.71
CA ASP A 282 -11.29 12.62 9.49
C ASP A 282 -10.43 11.38 9.41
N TYR A 283 -9.39 11.39 8.57
CA TYR A 283 -8.73 10.15 8.25
C TYR A 283 -7.91 9.61 9.40
N ALA A 284 -7.28 10.49 10.16
CA ALA A 284 -6.52 10.06 11.34
C ALA A 284 -7.38 9.22 12.30
N TYR A 285 -8.64 9.61 12.50
CA TYR A 285 -9.57 8.80 13.27
C TYR A 285 -9.81 7.41 12.68
N LYS A 286 -10.05 7.35 11.37
CA LYS A 286 -10.34 6.08 10.74
C LYS A 286 -9.12 5.17 10.79
N PHE A 287 -7.94 5.72 10.54
CA PHE A 287 -6.68 4.94 10.60
C PHE A 287 -6.47 4.41 12.02
N ALA A 288 -6.74 5.23 13.04
CA ALA A 288 -6.60 4.76 14.41
C ALA A 288 -7.58 3.60 14.70
N GLN A 289 -8.82 3.72 14.26
CA GLN A 289 -9.82 2.71 14.47
C GLN A 289 -9.43 1.42 13.77
N GLU A 290 -8.86 1.53 12.56
CA GLU A 290 -8.51 0.33 11.81
C GLU A 290 -7.26 -0.34 12.36
N VAL A 291 -6.40 0.43 13.00
CA VAL A 291 -5.28 -0.19 13.73
C VAL A 291 -5.80 -1.04 14.92
N ARG A 292 -6.76 -0.52 15.66
CA ARG A 292 -7.31 -1.23 16.80
C ARG A 292 -8.06 -2.49 16.35
N ARG A 293 -8.79 -2.38 15.22
CA ARG A 293 -9.50 -3.54 14.68
C ARG A 293 -8.56 -4.59 14.10
N TYR A 294 -7.57 -4.16 13.34
CA TYR A 294 -6.80 -5.07 12.52
C TYR A 294 -5.69 -5.80 13.28
N TYR A 295 -5.02 -5.12 14.18
CA TYR A 295 -3.86 -5.75 14.79
C TYR A 295 -4.24 -6.52 16.07
N PRO A 296 -3.49 -7.59 16.40
CA PRO A 296 -3.84 -8.40 17.54
C PRO A 296 -3.29 -7.83 18.84
N PHE A 297 -4.13 -7.83 19.88
CA PHE A 297 -3.68 -7.42 21.18
C PHE A 297 -4.35 -8.32 22.23
N VAL A 298 -5.61 -8.06 22.52
CA VAL A 298 -6.39 -8.92 23.43
C VAL A 298 -6.93 -10.13 22.64
N PRO A 299 -6.56 -11.35 23.01
CA PRO A 299 -7.03 -12.52 22.26
C PRO A 299 -8.47 -12.88 22.53
N PHE A 300 -8.82 -12.93 23.82
CA PHE A 300 -10.12 -13.30 24.27
C PHE A 300 -10.26 -12.92 25.74
N LEU A 301 -11.50 -12.95 26.22
CA LEU A 301 -11.84 -12.53 27.58
C LEU A 301 -12.61 -13.67 28.29
N PRO A 302 -12.30 -13.94 29.56
CA PRO A 302 -12.93 -15.05 30.29
C PRO A 302 -14.15 -14.64 31.10
N GLY A 303 -15.15 -15.49 31.08
CA GLY A 303 -16.37 -15.31 31.87
C GLY A 303 -16.90 -16.69 32.26
N LYS A 304 -18.06 -16.74 32.85
CA LYS A 304 -18.65 -18.03 33.35
C LYS A 304 -20.17 -17.98 33.23
N ALA A 305 -20.73 -19.06 32.73
CA ALA A 305 -22.18 -19.14 32.57
C ALA A 305 -22.82 -19.30 33.94
N LYS A 306 -23.74 -18.39 34.29
CA LYS A 306 -24.41 -18.48 35.58
C LYS A 306 -25.55 -19.50 35.54
N VAL A 307 -26.11 -19.70 34.35
CA VAL A 307 -27.20 -20.63 34.11
C VAL A 307 -26.97 -21.25 32.77
N ASP A 308 -27.78 -22.25 32.41
CA ASP A 308 -27.80 -22.75 31.06
C ASP A 308 -28.16 -21.64 30.08
N ILE A 309 -27.40 -21.57 28.99
CA ILE A 309 -27.60 -20.53 27.97
C ILE A 309 -27.78 -21.21 26.63
N ASP A 310 -28.92 -20.94 25.99
CA ASP A 310 -29.17 -21.41 24.64
C ASP A 310 -28.58 -20.41 23.67
N PHE A 311 -27.60 -20.86 22.89
CA PHE A 311 -26.83 -19.94 22.08
C PHE A 311 -26.41 -20.63 20.78
N GLN A 312 -26.83 -20.05 19.66
CA GLN A 312 -26.43 -20.52 18.33
C GLN A 312 -26.57 -22.05 18.17
N GLY A 313 -27.74 -22.54 18.53
CA GLY A 313 -28.10 -23.90 18.31
C GLY A 313 -27.63 -24.88 19.35
N VAL A 314 -26.93 -24.43 20.38
CA VAL A 314 -26.43 -25.32 21.42
C VAL A 314 -26.86 -24.77 22.77
N THR A 315 -26.67 -25.58 23.80
CA THR A 315 -26.93 -25.18 25.15
C THR A 315 -25.63 -25.11 25.88
N ILE A 316 -25.30 -23.91 26.36
CA ILE A 316 -24.12 -23.72 27.17
C ILE A 316 -24.49 -24.06 28.62
N PRO A 317 -23.83 -25.05 29.24
CA PRO A 317 -24.25 -25.47 30.55
C PRO A 317 -23.85 -24.47 31.66
N ALA A 318 -24.69 -24.39 32.67
CA ALA A 318 -24.36 -23.61 33.86
C ALA A 318 -23.02 -24.05 34.45
N GLY A 319 -22.21 -23.05 34.78
CA GLY A 319 -20.94 -23.28 35.44
C GLY A 319 -19.73 -23.47 34.53
N VAL A 320 -19.96 -23.56 33.23
CA VAL A 320 -18.87 -23.71 32.28
C VAL A 320 -18.22 -22.33 32.07
N GLY A 321 -16.93 -22.33 31.73
CA GLY A 321 -16.25 -21.12 31.39
C GLY A 321 -16.75 -20.58 30.05
N LEU A 322 -16.64 -19.28 29.87
CA LEU A 322 -16.93 -18.63 28.58
C LEU A 322 -15.73 -17.81 28.15
N ALA A 323 -15.43 -17.85 26.85
CA ALA A 323 -14.35 -17.06 26.30
C ALA A 323 -14.87 -16.26 25.14
N LEU A 324 -15.00 -14.93 25.30
CA LEU A 324 -15.39 -14.04 24.21
C LEU A 324 -14.19 -13.86 23.26
N ASP A 325 -14.38 -14.21 21.99
CA ASP A 325 -13.30 -14.23 21.02
C ASP A 325 -13.11 -12.82 20.51
N VAL A 326 -12.13 -12.12 21.08
CA VAL A 326 -11.91 -10.72 20.69
C VAL A 326 -11.31 -10.63 19.29
N TYR A 327 -10.17 -11.30 19.08
CA TYR A 327 -9.56 -11.31 17.76
C TYR A 327 -10.50 -11.85 16.67
N GLY A 328 -11.18 -12.95 16.96
CA GLY A 328 -12.09 -13.52 15.97
C GLY A 328 -13.23 -12.59 15.60
N THR A 329 -13.73 -11.84 16.57
CA THR A 329 -14.82 -10.90 16.29
C THR A 329 -14.36 -9.68 15.47
N THR A 330 -13.17 -9.14 15.78
CA THR A 330 -12.67 -7.99 15.04
C THR A 330 -12.25 -8.38 13.63
N HIS A 331 -12.08 -9.69 13.37
CA HIS A 331 -11.75 -10.20 12.04
C HIS A 331 -12.84 -11.09 11.48
N ASP A 332 -14.08 -10.83 11.88
CA ASP A 332 -15.20 -11.66 11.50
C ASP A 332 -15.71 -11.26 10.12
N GLU A 333 -15.45 -12.13 9.16
CA GLU A 333 -16.13 -12.05 7.87
C GLU A 333 -17.63 -12.23 8.18
N SER A 334 -18.42 -11.24 7.81
CA SER A 334 -19.86 -11.13 8.06
C SER A 334 -20.08 -9.88 8.86
N LEU A 335 -19.01 -9.39 9.48
CA LEU A 335 -19.03 -8.10 10.15
C LEU A 335 -18.20 -7.07 9.42
N TRP A 336 -17.11 -7.50 8.80
CA TRP A 336 -16.13 -6.62 8.15
C TRP A 336 -15.88 -7.18 6.76
N ASP A 337 -16.18 -6.40 5.73
CA ASP A 337 -15.80 -6.78 4.37
C ASP A 337 -14.29 -6.88 4.25
N ASP A 338 -13.78 -8.03 3.82
CA ASP A 338 -12.35 -8.29 3.68
C ASP A 338 -11.63 -8.01 5.00
N PRO A 339 -11.92 -8.81 6.05
CA PRO A 339 -11.45 -8.46 7.38
C PRO A 339 -9.94 -8.53 7.58
N ASN A 340 -9.23 -9.26 6.74
CA ASN A 340 -7.79 -9.40 6.86
C ASN A 340 -7.04 -8.41 5.96
N GLU A 341 -7.75 -7.40 5.50
CA GLU A 341 -7.11 -6.24 4.81
C GLU A 341 -7.21 -4.96 5.65
N PHE A 342 -6.15 -4.16 5.63
CA PHE A 342 -6.10 -2.92 6.37
C PHE A 342 -6.77 -1.86 5.53
N ARG A 343 -7.92 -1.38 5.98
CA ARG A 343 -8.77 -0.51 5.17
C ARG A 343 -9.46 0.50 6.06
N PRO A 344 -8.80 1.62 6.36
CA PRO A 344 -9.44 2.63 7.21
C PRO A 344 -10.74 3.16 6.64
N GLU A 345 -10.91 3.09 5.33
CA GLU A 345 -12.14 3.58 4.71
C GLU A 345 -13.38 2.83 5.16
N ARG A 346 -13.21 1.61 5.70
CA ARG A 346 -14.39 0.91 6.20
C ARG A 346 -15.09 1.64 7.32
N PHE A 347 -14.37 2.50 8.04
CA PHE A 347 -15.02 3.24 9.13
C PHE A 347 -15.77 4.48 8.66
N GLU A 348 -15.95 4.64 7.35
CA GLU A 348 -16.83 5.72 6.86
C GLU A 348 -18.28 5.33 7.05
N THR A 349 -18.58 4.04 7.06
CA THR A 349 -19.96 3.56 7.18
C THR A 349 -20.15 2.59 8.32
N TRP A 350 -19.23 2.55 9.27
CA TRP A 350 -19.42 1.75 10.48
C TRP A 350 -20.48 2.41 11.32
N ASP A 351 -21.49 1.65 11.74
CA ASP A 351 -22.63 2.23 12.46
C ASP A 351 -22.38 2.41 13.97
N GLY A 352 -21.19 2.13 14.45
CA GLY A 352 -20.88 2.36 15.86
C GLY A 352 -21.45 1.31 16.82
N SER A 353 -21.60 0.06 16.38
CA SER A 353 -22.18 -0.94 17.24
C SER A 353 -21.26 -1.20 18.43
N PRO A 354 -21.82 -1.37 19.64
CA PRO A 354 -20.98 -1.75 20.79
C PRO A 354 -20.42 -3.15 20.74
N PHE A 355 -20.80 -3.95 19.74
CA PHE A 355 -20.57 -5.40 19.77
C PHE A 355 -19.74 -6.01 18.62
N ASP A 356 -19.27 -5.19 17.68
CA ASP A 356 -18.38 -5.68 16.61
C ASP A 356 -16.96 -5.20 16.75
N LEU A 357 -16.76 -3.89 16.91
CA LEU A 357 -15.43 -3.36 17.17
C LEU A 357 -15.18 -3.48 18.67
N ILE A 358 -14.62 -4.61 19.09
CA ILE A 358 -14.45 -4.90 20.48
C ILE A 358 -13.00 -5.20 20.90
N PRO A 359 -11.98 -4.58 20.28
CA PRO A 359 -10.62 -4.87 20.68
C PRO A 359 -10.29 -4.50 22.13
N GLN A 360 -11.12 -3.65 22.75
CA GLN A 360 -10.99 -3.28 24.16
C GLN A 360 -12.30 -3.56 24.89
N GLY A 361 -12.97 -4.62 24.49
CA GLY A 361 -14.18 -5.00 25.09
C GLY A 361 -15.40 -4.49 24.37
N GLY A 362 -16.55 -5.02 24.78
CA GLY A 362 -17.82 -4.57 24.25
C GLY A 362 -18.79 -4.25 25.34
N GLY A 363 -20.05 -3.98 24.96
CA GLY A 363 -21.06 -3.69 25.92
C GLY A 363 -21.09 -2.24 26.36
N ASP A 364 -21.54 -2.04 27.60
CA ASP A 364 -21.78 -0.70 28.14
C ASP A 364 -20.59 -0.28 29.02
N TYR A 365 -20.14 0.96 28.87
CA TYR A 365 -19.04 1.45 29.71
C TYR A 365 -19.38 1.39 31.22
N TRP A 366 -20.60 1.72 31.57
CA TRP A 366 -20.96 1.97 32.95
C TRP A 366 -21.34 0.73 33.69
N THR A 367 -21.92 -0.27 33.01
CA THR A 367 -22.41 -1.45 33.70
C THR A 367 -21.71 -2.74 33.27
N ASN A 368 -20.88 -2.69 32.23
CA ASN A 368 -20.04 -3.80 31.87
C ASN A 368 -18.57 -3.48 32.19
N HIS A 369 -17.71 -4.48 32.06
CA HIS A 369 -16.29 -4.34 32.25
C HIS A 369 -15.55 -3.73 31.05
N ARG A 370 -16.28 -3.17 30.10
CA ARG A 370 -15.70 -2.57 28.92
C ARG A 370 -14.63 -1.53 29.29
N CYS A 371 -13.59 -1.49 28.47
CA CYS A 371 -12.46 -0.58 28.68
C CYS A 371 -12.91 0.84 28.94
N ALA A 372 -12.36 1.44 29.99
CA ALA A 372 -12.69 2.84 30.29
C ALA A 372 -11.94 3.82 29.40
N GLY A 373 -10.81 3.38 28.84
CA GLY A 373 -9.88 4.24 28.15
C GLY A 373 -9.91 4.20 26.64
N GLU A 374 -11.03 3.77 26.04
CA GLU A 374 -11.09 3.66 24.59
C GLU A 374 -10.94 5.03 23.91
N TRP A 375 -11.60 6.05 24.44
CA TRP A 375 -11.47 7.38 23.87
C TRP A 375 -10.07 7.91 23.93
N ILE A 376 -9.40 7.73 25.07
CA ILE A 376 -8.02 8.13 25.20
C ILE A 376 -7.16 7.37 24.19
N THR A 377 -7.40 6.06 24.03
CA THR A 377 -6.64 5.30 23.11
C THR A 377 -6.71 5.85 21.68
N VAL A 378 -7.92 6.17 21.23
CA VAL A 378 -8.12 6.70 19.89
C VAL A 378 -7.48 8.07 19.76
N ILE A 379 -7.64 8.89 20.80
CA ILE A 379 -7.10 10.28 20.76
C ILE A 379 -5.58 10.25 20.66
N ILE A 380 -4.95 9.41 21.48
CA ILE A 380 -3.52 9.34 21.49
C ILE A 380 -2.97 8.79 20.16
N MET A 381 -3.68 7.84 19.57
N MET A 381 -3.67 7.84 19.56
CA MET A 381 -3.24 7.29 18.29
CA MET A 381 -3.22 7.29 18.29
C MET A 381 -3.43 8.34 17.19
C MET A 381 -3.43 8.31 17.16
N GLU A 382 -4.51 9.08 17.23
CA GLU A 382 -4.74 10.15 16.25
C GLU A 382 -3.59 11.13 16.24
N GLU A 383 -3.22 11.64 17.41
CA GLU A 383 -2.12 12.61 17.51
C GLU A 383 -0.77 12.01 17.17
N THR A 384 -0.51 10.78 17.58
CA THR A 384 0.77 10.15 17.30
C THR A 384 0.95 9.86 15.82
N MET A 385 -0.12 9.41 15.16
CA MET A 385 -0.02 9.13 13.73
C MET A 385 0.09 10.42 12.92
N LYS A 386 -0.66 11.45 13.34
CA LYS A 386 -0.51 12.75 12.74
C LYS A 386 0.91 13.28 12.82
N TYR A 387 1.57 13.07 13.97
CA TYR A 387 2.95 13.48 14.13
C TYR A 387 3.87 12.77 13.15
N PHE A 388 3.87 11.44 13.17
CA PHE A 388 4.73 10.67 12.30
C PHE A 388 4.45 10.83 10.81
N ALA A 389 3.21 11.12 10.45
CA ALA A 389 2.90 11.25 9.06
C ALA A 389 3.20 12.67 8.51
N GLU A 390 3.29 13.66 9.36
CA GLU A 390 3.18 15.03 8.93
C GLU A 390 4.33 15.89 9.39
N LYS A 391 4.85 15.66 10.61
CA LYS A 391 5.86 16.56 11.17
C LYS A 391 7.28 16.13 10.98
N ILE A 392 7.51 14.84 10.69
CA ILE A 392 8.81 14.33 10.44
C ILE A 392 8.81 13.38 9.22
N THR A 393 9.98 13.24 8.60
CA THR A 393 10.26 12.19 7.65
C THR A 393 11.28 11.28 8.27
N TYR A 394 11.30 10.05 7.80
CA TYR A 394 12.22 9.03 8.34
C TYR A 394 12.33 7.88 7.37
N ASP A 395 13.34 7.05 7.56
CA ASP A 395 13.55 5.86 6.77
C ASP A 395 13.25 4.65 7.64
N VAL A 396 12.71 3.62 7.00
CA VAL A 396 12.45 2.36 7.68
C VAL A 396 13.46 1.33 7.14
N PRO A 397 14.54 1.08 7.87
CA PRO A 397 15.48 0.11 7.37
C PRO A 397 14.88 -1.30 7.39
N GLU A 398 15.41 -2.19 6.59
CA GLU A 398 14.82 -3.49 6.57
C GLU A 398 15.33 -4.25 7.82
N GLN A 399 14.40 -5.02 8.37
CA GLN A 399 14.42 -5.53 9.73
C GLN A 399 13.29 -6.56 9.80
N ASP A 400 13.15 -7.21 10.95
CA ASP A 400 12.07 -8.14 11.15
C ASP A 400 10.75 -7.41 11.49
N LEU A 401 9.91 -7.20 10.48
CA LEU A 401 8.64 -6.54 10.63
C LEU A 401 7.47 -7.49 10.90
N GLU A 402 7.74 -8.77 11.09
CA GLU A 402 6.67 -9.74 11.21
C GLU A 402 5.87 -9.49 12.50
N VAL A 403 4.57 -9.55 12.40
CA VAL A 403 3.66 -9.69 13.53
C VAL A 403 3.17 -11.14 13.52
N ASP A 404 3.75 -11.95 14.39
CA ASP A 404 3.43 -13.39 14.44
C ASP A 404 2.05 -13.60 15.08
N LEU A 405 1.06 -13.91 14.25
CA LEU A 405 -0.28 -14.14 14.71
C LEU A 405 -0.44 -15.40 15.60
N ASN A 406 0.56 -16.28 15.62
CA ASN A 406 0.55 -17.47 16.45
C ASN A 406 1.22 -17.26 17.79
N SER A 407 1.62 -16.03 18.13
CA SER A 407 2.32 -15.74 19.36
C SER A 407 1.64 -14.60 20.12
N ILE A 408 1.07 -14.94 21.28
CA ILE A 408 0.48 -13.95 22.18
C ILE A 408 1.56 -13.51 23.15
N PRO A 409 1.74 -12.18 23.33
CA PRO A 409 1.02 -11.04 22.77
C PRO A 409 1.51 -10.60 21.40
N GLY A 410 0.67 -9.86 20.69
CA GLY A 410 1.05 -9.36 19.39
C GLY A 410 2.08 -8.25 19.47
N TYR A 411 3.19 -8.45 18.76
CA TYR A 411 4.27 -7.49 18.69
C TYR A 411 4.85 -7.49 17.29
N VAL A 412 5.31 -6.34 16.85
CA VAL A 412 6.28 -6.28 15.76
C VAL A 412 7.59 -6.78 16.29
N LYS A 413 8.17 -7.78 15.63
CA LYS A 413 9.33 -8.45 16.23
C LYS A 413 10.49 -7.53 16.53
N SER A 414 10.77 -6.61 15.63
CA SER A 414 11.83 -5.61 15.84
C SER A 414 11.43 -4.47 16.77
N GLY A 415 10.14 -4.33 17.05
CA GLY A 415 9.63 -3.15 17.70
C GLY A 415 9.38 -1.97 16.79
N PHE A 416 9.64 -2.16 15.49
CA PHE A 416 9.56 -1.12 14.46
C PHE A 416 10.62 -0.07 14.66
N VAL A 417 11.71 -0.17 13.87
CA VAL A 417 12.83 0.73 13.95
C VAL A 417 12.79 1.69 12.82
N ILE A 418 13.08 2.97 13.11
CA ILE A 418 13.21 3.99 12.09
C ILE A 418 14.56 4.64 12.21
N LYS A 419 14.99 5.27 11.10
CA LYS A 419 16.27 5.98 11.03
C LYS A 419 16.09 7.28 10.27
N ASN A 420 17.11 8.11 10.31
N ASN A 420 17.12 8.11 10.33
CA ASN A 420 17.13 9.34 9.49
CA ASN A 420 17.18 9.37 9.56
C ASN A 420 15.92 10.24 9.75
C ASN A 420 15.93 10.23 9.76
N VAL A 421 15.58 10.40 11.04
CA VAL A 421 14.47 11.25 11.40
C VAL A 421 14.87 12.70 11.13
N ARG A 422 13.98 13.43 10.46
N ARG A 422 14.00 13.43 10.44
CA ARG A 422 14.18 14.84 10.20
CA ARG A 422 14.21 14.86 10.21
C ARG A 422 12.90 15.62 10.22
C ARG A 422 12.92 15.62 10.22
N GLU A 423 12.89 16.75 10.92
CA GLU A 423 11.67 17.54 11.02
C GLU A 423 11.32 18.08 9.68
N VAL A 424 10.02 18.18 9.42
CA VAL A 424 9.52 18.82 8.24
C VAL A 424 9.27 20.29 8.62
N VAL A 425 10.05 21.20 8.03
CA VAL A 425 9.93 22.64 8.26
C VAL A 425 9.99 23.38 6.94
N ASP A 426 9.01 24.24 6.71
CA ASP A 426 9.01 25.14 5.57
C ASP A 426 9.76 26.42 5.99
N ARG A 427 11.01 26.55 5.56
CA ARG A 427 11.82 27.69 5.93
C ARG A 427 11.87 28.78 4.85
N THR A 428 11.01 28.67 3.84
CA THR A 428 10.97 29.63 2.74
C THR A 428 10.08 30.82 3.06
N ALA B 8 32.41 8.11 -2.85
CA ALA B 8 31.33 8.36 -1.89
C ALA B 8 30.49 9.54 -2.36
N THR B 9 31.13 10.56 -2.94
CA THR B 9 30.42 11.77 -3.36
C THR B 9 29.70 11.57 -4.72
N LEU B 10 28.47 12.06 -4.78
CA LEU B 10 27.61 11.91 -5.97
C LEU B 10 27.96 13.00 -7.00
N LYS B 11 28.51 12.59 -8.13
CA LYS B 11 28.94 13.56 -9.13
C LYS B 11 27.74 14.22 -9.83
N ARG B 12 27.97 15.43 -10.34
CA ARG B 12 26.92 16.25 -10.91
C ARG B 12 27.27 16.75 -12.29
N ASP B 13 26.29 16.82 -13.17
CA ASP B 13 26.35 17.71 -14.32
C ASP B 13 25.95 19.07 -13.80
N LYS B 14 26.96 19.90 -13.51
CA LYS B 14 26.72 21.17 -12.82
C LYS B 14 25.88 22.10 -13.64
N GLY B 15 25.10 22.92 -12.95
CA GLY B 15 24.22 23.89 -13.61
C GLY B 15 22.96 24.11 -12.81
N LEU B 16 22.44 25.33 -12.84
CA LEU B 16 21.17 25.66 -12.18
C LEU B 16 20.03 24.90 -12.84
N ASP B 17 20.07 24.77 -14.17
CA ASP B 17 19.07 23.99 -14.87
C ASP B 17 19.63 23.52 -16.21
N ASN B 18 19.61 22.20 -16.44
CA ASN B 18 20.15 21.63 -17.68
C ASN B 18 19.09 21.14 -18.65
N THR B 19 17.86 21.64 -18.54
CA THR B 19 16.78 21.17 -19.41
C THR B 19 17.12 21.37 -20.89
N LEU B 20 17.68 22.52 -21.22
CA LEU B 20 18.02 22.82 -22.61
C LEU B 20 19.15 21.91 -23.10
N LYS B 21 20.10 21.59 -22.23
CA LYS B 21 21.17 20.67 -22.57
C LYS B 21 20.64 19.23 -22.78
N VAL B 22 19.79 18.75 -21.87
CA VAL B 22 19.15 17.44 -22.08
C VAL B 22 18.41 17.38 -23.43
N LEU B 23 17.66 18.42 -23.76
CA LEU B 23 16.91 18.45 -25.02
C LEU B 23 17.85 18.50 -26.22
N LYS B 24 19.01 19.13 -26.06
CA LYS B 24 19.95 19.27 -27.18
C LYS B 24 20.72 17.96 -27.45
N GLN B 25 21.04 17.21 -26.38
CA GLN B 25 21.71 15.98 -26.57
C GLN B 25 20.77 14.77 -26.69
N GLY B 26 19.55 14.90 -26.20
CA GLY B 26 18.50 13.91 -26.45
C GLY B 26 18.81 12.57 -25.81
N TYR B 27 18.69 11.50 -26.59
CA TYR B 27 18.90 10.16 -26.12
C TYR B 27 20.37 9.89 -25.77
N LEU B 28 21.27 10.77 -26.15
CA LEU B 28 22.71 10.60 -25.81
C LEU B 28 23.14 11.42 -24.61
N TYR B 29 22.23 12.21 -24.02
CA TYR B 29 22.58 13.05 -22.90
C TYR B 29 23.19 12.27 -21.73
N THR B 30 22.51 11.22 -21.29
CA THR B 30 22.95 10.50 -20.12
C THR B 30 24.26 9.76 -20.36
N THR B 31 24.41 9.20 -21.56
CA THR B 31 25.64 8.52 -21.91
C THR B 31 26.82 9.51 -21.99
N ASN B 32 26.58 10.68 -22.58
CA ASN B 32 27.61 11.70 -22.65
C ASN B 32 28.08 12.11 -21.24
N GLN B 33 27.15 12.29 -20.32
CA GLN B 33 27.52 12.72 -18.98
C GLN B 33 28.23 11.65 -18.22
N ARG B 34 27.77 10.40 -18.32
CA ARG B 34 28.44 9.30 -17.68
C ARG B 34 29.89 9.18 -18.15
N ASN B 35 30.11 9.27 -19.45
CA ASN B 35 31.45 9.21 -20.01
C ASN B 35 32.29 10.40 -19.55
N ARG B 36 31.71 11.61 -19.55
CA ARG B 36 32.46 12.82 -19.24
C ARG B 36 32.84 12.84 -17.75
N LEU B 37 31.94 12.38 -16.88
CA LEU B 37 32.16 12.38 -15.47
C LEU B 37 32.83 11.09 -14.98
N ASN B 38 33.00 10.10 -15.86
CA ASN B 38 33.57 8.81 -15.51
C ASN B 38 32.85 8.13 -14.34
N THR B 39 31.58 7.85 -14.54
CA THR B 39 30.72 7.36 -13.47
C THR B 39 29.52 6.63 -14.03
N SER B 40 28.92 5.78 -13.18
CA SER B 40 27.68 5.08 -13.53
C SER B 40 26.45 5.80 -13.05
N VAL B 41 26.61 6.80 -12.20
CA VAL B 41 25.46 7.53 -11.60
C VAL B 41 25.86 8.97 -11.36
N PHE B 42 24.96 9.86 -11.67
CA PHE B 42 25.23 11.30 -11.56
C PHE B 42 23.92 12.02 -11.36
N GLN B 43 24.03 13.23 -10.84
CA GLN B 43 22.92 14.11 -10.57
C GLN B 43 22.89 15.23 -11.59
N THR B 44 21.70 15.61 -12.01
CA THR B 44 21.51 16.80 -12.83
C THR B 44 20.24 17.48 -12.43
N LYS B 45 20.18 18.78 -12.67
CA LYS B 45 19.01 19.60 -12.40
C LYS B 45 18.29 19.93 -13.68
N ALA B 46 16.97 19.81 -13.66
CA ALA B 46 16.16 20.05 -14.85
C ALA B 46 14.74 20.35 -14.46
N LEU B 47 13.95 20.72 -15.46
CA LEU B 47 12.51 20.96 -15.26
C LEU B 47 12.29 22.09 -14.25
N GLY B 48 13.20 23.04 -14.18
CA GLY B 48 13.08 24.21 -13.33
C GLY B 48 13.94 24.08 -12.08
N GLY B 49 15.15 23.58 -12.22
CA GLY B 49 16.03 23.44 -11.08
C GLY B 49 15.85 22.23 -10.18
N LYS B 50 15.03 21.26 -10.60
CA LYS B 50 14.78 20.10 -9.75
C LYS B 50 15.91 19.08 -9.91
N PRO B 51 16.48 18.62 -8.80
CA PRO B 51 17.56 17.63 -8.90
C PRO B 51 17.05 16.24 -9.26
N PHE B 52 17.69 15.60 -10.23
CA PHE B 52 17.39 14.24 -10.61
C PHE B 52 18.68 13.43 -10.57
N VAL B 53 18.63 12.28 -9.95
CA VAL B 53 19.74 11.32 -9.95
C VAL B 53 19.47 10.28 -11.04
N VAL B 54 20.35 10.23 -12.06
CA VAL B 54 20.21 9.31 -13.18
C VAL B 54 20.86 7.98 -12.87
N VAL B 55 20.06 6.91 -12.87
CA VAL B 55 20.53 5.57 -12.61
C VAL B 55 20.29 4.74 -13.87
N THR B 56 21.10 3.70 -14.05
CA THR B 56 21.08 2.93 -15.26
C THR B 56 21.48 1.49 -14.98
N GLY B 57 21.31 0.66 -16.00
CA GLY B 57 21.66 -0.76 -15.92
C GLY B 57 20.69 -1.58 -15.14
N LYS B 58 21.02 -2.86 -14.97
CA LYS B 58 20.18 -3.74 -14.19
C LYS B 58 20.05 -3.28 -12.76
N GLU B 59 21.15 -2.81 -12.16
CA GLU B 59 21.11 -2.31 -10.80
C GLU B 59 20.23 -1.10 -10.64
N GLY B 60 20.31 -0.16 -11.57
CA GLY B 60 19.45 1.00 -11.52
C GLY B 60 18.01 0.62 -11.66
N ALA B 61 17.73 -0.32 -12.56
CA ALA B 61 16.37 -0.74 -12.80
C ALA B 61 15.79 -1.50 -11.62
N GLU B 62 16.59 -2.40 -11.03
CA GLU B 62 16.08 -3.13 -9.86
C GLU B 62 15.74 -2.19 -8.73
N MET B 63 16.53 -1.13 -8.54
CA MET B 63 16.27 -0.19 -7.45
C MET B 63 15.08 0.71 -7.82
N PHE B 64 15.05 1.18 -9.05
CA PHE B 64 13.96 2.08 -9.47
C PHE B 64 12.59 1.45 -9.30
N TYR B 65 12.51 0.11 -9.42
CA TYR B 65 11.26 -0.59 -9.27
C TYR B 65 11.08 -1.27 -7.89
N ASN B 66 11.91 -0.88 -6.95
CA ASN B 66 11.74 -1.27 -5.55
C ASN B 66 10.74 -0.31 -4.92
N ASN B 67 9.50 -0.77 -4.75
CA ASN B 67 8.44 0.13 -4.29
C ASN B 67 8.65 0.63 -2.86
N ASP B 68 9.47 -0.07 -2.09
CA ASP B 68 9.79 0.39 -0.75
C ASP B 68 10.63 1.63 -0.74
N VAL B 69 11.24 1.95 -1.87
CA VAL B 69 12.31 2.92 -1.90
C VAL B 69 12.09 4.00 -2.96
N VAL B 70 11.24 3.77 -3.98
CA VAL B 70 11.03 4.75 -5.03
C VAL B 70 9.55 5.08 -5.13
N GLN B 71 9.26 6.37 -5.22
CA GLN B 71 7.91 6.85 -5.41
C GLN B 71 7.75 7.28 -6.87
N ARG B 72 6.63 6.92 -7.49
CA ARG B 72 6.33 7.37 -8.86
C ARG B 72 5.20 8.36 -8.92
N GLU B 73 4.30 8.29 -7.94
CA GLU B 73 3.14 9.17 -7.91
C GLU B 73 3.56 10.61 -7.94
N GLY B 74 2.95 11.39 -8.82
CA GLY B 74 3.23 12.80 -8.89
C GLY B 74 4.56 13.20 -9.50
N MET B 75 5.33 12.26 -10.05
CA MET B 75 6.63 12.59 -10.63
C MET B 75 6.61 12.76 -12.15
N LEU B 76 5.56 12.32 -12.81
CA LEU B 76 5.38 12.66 -14.23
C LEU B 76 5.07 14.14 -14.36
N PRO B 77 5.78 14.90 -15.21
CA PRO B 77 5.47 16.32 -15.36
C PRO B 77 3.99 16.56 -15.71
N LYS B 78 3.42 17.58 -15.10
CA LYS B 78 1.97 17.85 -15.25
C LYS B 78 1.54 18.07 -16.70
N ARG B 79 2.38 18.72 -17.51
CA ARG B 79 1.99 18.90 -18.88
C ARG B 79 1.92 17.55 -19.62
N ILE B 80 2.79 16.61 -19.25
CA ILE B 80 2.73 15.28 -19.83
C ILE B 80 1.52 14.52 -19.32
N VAL B 81 1.18 14.73 -18.05
CA VAL B 81 -0.03 14.18 -17.52
C VAL B 81 -1.25 14.70 -18.31
N ASN B 82 -1.22 16.01 -18.63
CA ASN B 82 -2.35 16.67 -19.23
C ASN B 82 -2.53 16.32 -20.69
N THR B 83 -1.49 15.85 -21.36
CA THR B 83 -1.58 15.51 -22.78
C THR B 83 -1.43 14.03 -23.10
N LEU B 84 -0.52 13.34 -22.43
CA LEU B 84 -0.18 11.96 -22.82
C LEU B 84 -0.96 10.94 -22.03
N ALA B 85 -0.85 10.97 -20.70
CA ALA B 85 -1.46 9.96 -19.86
C ALA B 85 -2.94 10.26 -19.49
N GLY B 86 -3.24 11.50 -19.20
CA GLY B 86 -4.57 11.91 -18.73
C GLY B 86 -4.59 12.07 -17.23
N LYS B 87 -5.30 13.08 -16.75
CA LYS B 87 -5.39 13.29 -15.31
C LYS B 87 -6.04 12.08 -14.63
N GLY B 88 -5.44 11.64 -13.53
CA GLY B 88 -5.97 10.53 -12.78
C GLY B 88 -5.77 9.17 -13.41
N ALA B 89 -4.94 9.08 -14.45
CA ALA B 89 -4.72 7.83 -15.15
C ALA B 89 -3.93 6.86 -14.26
N ILE B 90 -3.93 5.60 -14.65
CA ILE B 90 -3.18 4.55 -13.96
C ILE B 90 -1.72 4.95 -13.68
N HIS B 91 -1.12 5.73 -14.58
CA HIS B 91 0.25 6.15 -14.44
C HIS B 91 0.46 7.02 -13.20
N THR B 92 -0.60 7.66 -12.71
CA THR B 92 -0.50 8.70 -11.69
C THR B 92 -0.82 8.22 -10.29
N VAL B 93 -1.17 6.94 -10.11
CA VAL B 93 -1.53 6.42 -8.83
C VAL B 93 -0.49 5.36 -8.42
N ASP B 94 -0.30 5.23 -7.10
CA ASP B 94 0.62 4.29 -6.50
C ASP B 94 -0.14 3.42 -5.48
N GLY B 95 0.57 2.41 -4.95
CA GLY B 95 0.03 1.61 -3.87
C GLY B 95 -1.15 0.74 -4.25
N LYS B 96 -2.03 0.52 -3.27
CA LYS B 96 -3.10 -0.45 -3.41
C LYS B 96 -4.03 -0.05 -4.54
N LYS B 97 -4.32 1.24 -4.65
CA LYS B 97 -5.16 1.76 -5.70
C LYS B 97 -4.56 1.36 -7.06
N HIS B 98 -3.24 1.41 -7.18
CA HIS B 98 -2.59 1.12 -8.45
C HIS B 98 -2.62 -0.36 -8.74
N VAL B 99 -2.28 -1.17 -7.74
CA VAL B 99 -2.26 -2.60 -7.93
C VAL B 99 -3.66 -3.09 -8.34
N ASP B 100 -4.68 -2.53 -7.71
CA ASP B 100 -6.06 -2.90 -7.97
C ASP B 100 -6.42 -2.54 -9.42
N ARG B 101 -6.10 -1.33 -9.83
CA ARG B 101 -6.45 -0.93 -11.18
C ARG B 101 -5.53 -1.55 -12.25
N LYS B 102 -4.25 -1.82 -11.89
CA LYS B 102 -3.38 -2.48 -12.85
C LYS B 102 -3.93 -3.89 -13.17
N ALA B 103 -4.46 -4.57 -12.16
CA ALA B 103 -5.01 -5.91 -12.39
C ALA B 103 -6.11 -5.90 -13.48
N LEU B 104 -6.89 -4.82 -13.56
CA LEU B 104 -7.90 -4.69 -14.59
C LEU B 104 -7.24 -4.62 -15.98
N PHE B 105 -6.20 -3.80 -16.12
CA PHE B 105 -5.44 -3.72 -17.37
C PHE B 105 -4.89 -5.09 -17.75
N MET B 106 -4.26 -5.77 -16.81
CA MET B 106 -3.64 -7.05 -17.11
C MET B 106 -4.65 -8.13 -17.40
N SER B 107 -5.86 -7.99 -16.87
CA SER B 107 -6.88 -9.00 -17.08
C SER B 107 -7.32 -9.06 -18.55
N LEU B 108 -7.07 -8.01 -19.31
CA LEU B 108 -7.38 -8.03 -20.76
C LEU B 108 -6.40 -8.88 -21.52
N MET B 109 -5.25 -9.22 -20.93
CA MET B 109 -4.15 -9.86 -21.66
C MET B 109 -4.26 -11.37 -21.59
N THR B 110 -5.43 -11.88 -21.95
CA THR B 110 -5.66 -13.31 -21.99
C THR B 110 -5.07 -13.91 -23.26
N GLU B 111 -4.90 -15.23 -23.26
CA GLU B 111 -4.42 -15.94 -24.43
C GLU B 111 -5.33 -15.67 -25.63
N GLY B 112 -6.63 -15.69 -25.41
CA GLY B 112 -7.57 -15.46 -26.51
C GLY B 112 -7.57 -14.01 -27.00
N ASN B 113 -7.46 -13.06 -26.09
CA ASN B 113 -7.47 -11.66 -26.47
C ASN B 113 -6.16 -11.28 -27.17
N LEU B 114 -5.05 -11.92 -26.79
CA LEU B 114 -3.80 -11.74 -27.48
C LEU B 114 -3.80 -12.37 -28.86
N ASN B 115 -4.40 -13.56 -28.99
N ASN B 115 -4.40 -13.56 -28.99
CA ASN B 115 -4.55 -14.18 -30.29
CA ASN B 115 -4.55 -14.17 -30.29
C ASN B 115 -5.44 -13.33 -31.22
C ASN B 115 -5.44 -13.33 -31.21
N TYR B 116 -6.45 -12.69 -30.65
CA TYR B 116 -7.34 -11.86 -31.42
C TYR B 116 -6.60 -10.67 -32.03
N VAL B 117 -5.74 -10.00 -31.24
CA VAL B 117 -5.03 -8.86 -31.76
C VAL B 117 -4.02 -9.34 -32.85
N ARG B 118 -3.49 -10.55 -32.68
CA ARG B 118 -2.63 -11.12 -33.73
C ARG B 118 -3.40 -11.28 -35.05
N GLU B 119 -4.61 -11.84 -34.99
CA GLU B 119 -5.35 -12.12 -36.19
C GLU B 119 -5.88 -10.86 -36.82
N LEU B 120 -6.30 -9.91 -36.01
CA LEU B 120 -6.74 -8.63 -36.53
C LEU B 120 -5.62 -7.96 -37.33
N THR B 121 -4.42 -7.93 -36.76
CA THR B 121 -3.30 -7.30 -37.41
C THR B 121 -2.97 -7.99 -38.73
N ARG B 122 -2.91 -9.32 -38.72
N ARG B 122 -2.91 -9.32 -38.72
CA ARG B 122 -2.62 -10.08 -39.91
CA ARG B 122 -2.62 -10.09 -39.91
C ARG B 122 -3.67 -9.84 -41.00
C ARG B 122 -3.66 -9.84 -41.00
N THR B 123 -4.94 -9.88 -40.61
CA THR B 123 -6.01 -9.69 -41.55
C THR B 123 -5.95 -8.30 -42.21
N LEU B 124 -5.73 -7.26 -41.42
CA LEU B 124 -5.77 -5.90 -41.95
C LEU B 124 -4.58 -5.61 -42.88
N TRP B 125 -3.40 -6.14 -42.58
CA TRP B 125 -2.27 -6.00 -43.52
C TRP B 125 -2.55 -6.76 -44.82
N HIS B 126 -3.10 -7.95 -44.73
CA HIS B 126 -3.45 -8.73 -45.91
C HIS B 126 -4.48 -7.98 -46.78
N ALA B 127 -5.48 -7.38 -46.15
CA ALA B 127 -6.48 -6.64 -46.88
C ALA B 127 -5.96 -5.30 -47.43
N ASN B 128 -4.85 -4.80 -46.89
CA ASN B 128 -4.29 -3.53 -47.28
C ASN B 128 -3.35 -3.60 -48.48
N THR B 129 -3.04 -4.80 -48.97
CA THR B 129 -2.04 -4.96 -50.00
C THR B 129 -2.37 -4.18 -51.28
N GLN B 130 -3.60 -4.35 -51.78
CA GLN B 130 -4.00 -3.67 -53.02
C GLN B 130 -3.91 -2.16 -52.88
N ARG B 131 -4.38 -1.62 -51.78
CA ARG B 131 -4.25 -0.18 -51.56
C ARG B 131 -2.82 0.28 -51.69
N MET B 132 -1.89 -0.44 -51.07
CA MET B 132 -0.51 -0.05 -51.10
C MET B 132 0.12 -0.24 -52.46
N GLU B 133 -0.35 -1.22 -53.21
CA GLU B 133 0.12 -1.39 -54.60
C GLU B 133 -0.30 -0.23 -55.46
N SER B 134 -1.47 0.34 -55.21
CA SER B 134 -2.01 1.38 -56.07
C SER B 134 -1.46 2.77 -55.75
N MET B 135 -0.88 2.97 -54.57
CA MET B 135 -0.28 4.22 -54.19
C MET B 135 1.08 4.40 -54.83
N ASP B 136 1.43 5.64 -55.13
CA ASP B 136 2.72 5.92 -55.75
C ASP B 136 3.86 5.71 -54.73
N GLU B 137 3.66 6.22 -53.52
CA GLU B 137 4.56 6.01 -52.42
C GLU B 137 3.72 5.81 -51.18
N VAL B 138 4.24 5.06 -50.23
CA VAL B 138 3.54 4.78 -48.98
C VAL B 138 4.43 5.25 -47.83
N ASN B 139 3.92 6.22 -47.05
CA ASN B 139 4.57 6.65 -45.85
C ASN B 139 4.19 5.65 -44.76
N ILE B 140 5.15 4.82 -44.37
CA ILE B 140 4.85 3.71 -43.48
C ILE B 140 4.41 4.21 -42.09
N TYR B 141 5.03 5.30 -41.63
CA TYR B 141 4.64 5.88 -40.35
C TYR B 141 3.15 6.17 -40.35
N ARG B 142 2.66 6.76 -41.44
CA ARG B 142 1.28 7.19 -41.49
C ARG B 142 0.37 6.04 -41.81
N GLU B 143 0.78 5.16 -42.72
CA GLU B 143 -0.08 4.06 -43.13
C GLU B 143 -0.25 3.07 -41.96
N SER B 144 0.80 2.85 -41.18
CA SER B 144 0.68 1.94 -40.05
C SER B 144 -0.12 2.54 -38.92
N ILE B 145 -0.05 3.85 -38.74
CA ILE B 145 -0.78 4.44 -37.63
C ILE B 145 -2.29 4.37 -37.91
N VAL B 146 -2.68 4.51 -39.18
CA VAL B 146 -4.10 4.41 -39.54
C VAL B 146 -4.56 2.95 -39.39
N LEU B 147 -3.75 2.00 -39.85
CA LEU B 147 -4.12 0.59 -39.74
C LEU B 147 -4.20 0.20 -38.29
N LEU B 148 -3.26 0.68 -37.46
CA LEU B 148 -3.28 0.30 -36.04
C LEU B 148 -4.41 0.97 -35.29
N THR B 149 -4.90 2.11 -35.79
CA THR B 149 -6.10 2.70 -35.22
C THR B 149 -7.30 1.78 -35.46
N LYS B 150 -7.36 1.15 -36.63
CA LYS B 150 -8.40 0.17 -36.89
C LYS B 150 -8.25 -1.06 -35.98
N VAL B 151 -7.03 -1.57 -35.85
CA VAL B 151 -6.77 -2.70 -34.98
C VAL B 151 -7.14 -2.36 -33.53
N GLY B 152 -6.62 -1.25 -33.03
CA GLY B 152 -6.74 -0.93 -31.61
C GLY B 152 -8.12 -0.59 -31.13
N THR B 153 -8.84 0.21 -31.91
CA THR B 153 -10.23 0.49 -31.56
C THR B 153 -11.04 -0.80 -31.51
N ARG B 154 -10.89 -1.65 -32.50
CA ARG B 154 -11.68 -2.88 -32.57
C ARG B 154 -11.31 -3.83 -31.46
N TRP B 155 -10.01 -3.99 -31.21
CA TRP B 155 -9.55 -4.87 -30.10
C TRP B 155 -10.10 -4.38 -28.74
N ALA B 156 -10.17 -3.06 -28.54
CA ALA B 156 -10.68 -2.49 -27.32
C ALA B 156 -12.20 -2.54 -27.20
N GLY B 157 -12.90 -2.99 -28.25
CA GLY B 157 -14.34 -3.03 -28.24
C GLY B 157 -15.01 -1.72 -28.54
N VAL B 158 -14.26 -0.77 -29.07
CA VAL B 158 -14.72 0.57 -29.33
C VAL B 158 -15.06 0.70 -30.81
N GLN B 159 -16.29 1.10 -31.14
CA GLN B 159 -16.70 1.16 -32.53
C GLN B 159 -16.17 2.43 -33.14
N ALA B 160 -15.35 2.32 -34.18
CA ALA B 160 -14.76 3.47 -34.82
C ALA B 160 -15.08 3.37 -36.32
N PRO B 161 -16.05 4.14 -36.81
CA PRO B 161 -16.40 4.06 -38.22
C PRO B 161 -15.23 4.47 -39.12
N PRO B 162 -15.13 3.88 -40.31
CA PRO B 162 -13.99 4.16 -41.18
C PRO B 162 -13.83 5.64 -41.51
N GLU B 163 -14.93 6.38 -41.56
CA GLU B 163 -14.87 7.81 -41.88
C GLU B 163 -14.21 8.63 -40.77
N ASP B 164 -14.11 8.08 -39.55
CA ASP B 164 -13.45 8.78 -38.42
C ASP B 164 -12.01 8.35 -38.13
N ILE B 165 -11.53 7.30 -38.78
CA ILE B 165 -10.24 6.70 -38.43
C ILE B 165 -9.08 7.69 -38.60
N GLU B 166 -9.05 8.41 -39.71
CA GLU B 166 -7.95 9.33 -39.95
C GLU B 166 -7.89 10.42 -38.92
N ARG B 167 -9.05 10.91 -38.52
CA ARG B 167 -9.11 11.92 -37.52
C ARG B 167 -8.66 11.36 -36.15
N ILE B 168 -9.14 10.19 -35.78
CA ILE B 168 -8.71 9.55 -34.55
C ILE B 168 -7.20 9.32 -34.55
N ALA B 169 -6.68 8.82 -35.66
CA ALA B 169 -5.25 8.54 -35.78
C ALA B 169 -4.42 9.80 -35.57
N THR B 170 -4.82 10.87 -36.23
CA THR B 170 -4.10 12.14 -36.09
C THR B 170 -4.08 12.62 -34.63
N ASP B 171 -5.22 12.53 -33.96
CA ASP B 171 -5.31 12.97 -32.59
C ASP B 171 -4.44 12.14 -31.66
N MET B 172 -4.43 10.82 -31.86
CA MET B 172 -3.52 9.96 -31.15
C MET B 172 -2.07 10.32 -31.40
N ASP B 173 -1.72 10.54 -32.65
CA ASP B 173 -0.37 10.88 -33.04
C ASP B 173 0.09 12.13 -32.28
N ILE B 174 -0.79 13.11 -32.12
CA ILE B 174 -0.44 14.34 -31.42
C ILE B 174 -0.16 14.05 -29.94
N MET B 175 -1.00 13.25 -29.32
CA MET B 175 -0.83 12.93 -27.91
C MET B 175 0.46 12.13 -27.67
N ILE B 176 0.73 11.15 -28.52
CA ILE B 176 1.90 10.28 -28.33
C ILE B 176 3.18 11.09 -28.42
N ASP B 177 3.20 12.09 -29.29
CA ASP B 177 4.35 12.95 -29.48
C ASP B 177 4.58 13.94 -28.36
N SER B 178 3.61 14.11 -27.45
CA SER B 178 3.59 15.28 -26.57
C SER B 178 4.53 15.22 -25.40
N PHE B 179 5.36 14.18 -25.30
CA PHE B 179 6.42 14.17 -24.30
C PHE B 179 7.72 14.79 -24.78
N ARG B 180 7.71 15.36 -25.98
CA ARG B 180 8.93 15.88 -26.60
C ARG B 180 9.59 17.00 -25.81
N ALA B 181 8.80 17.80 -25.09
CA ALA B 181 9.37 18.93 -24.33
C ALA B 181 9.67 18.55 -22.90
N LEU B 182 9.53 17.26 -22.58
CA LEU B 182 9.78 16.73 -21.24
C LEU B 182 8.97 17.45 -20.17
N GLY B 183 7.82 17.98 -20.56
CA GLY B 183 6.94 18.65 -19.61
C GLY B 183 7.02 20.17 -19.66
N GLY B 184 7.98 20.71 -20.40
CA GLY B 184 8.10 22.16 -20.58
C GLY B 184 7.03 22.65 -21.55
N ALA B 185 6.90 23.97 -21.62
CA ALA B 185 5.96 24.58 -22.56
C ALA B 185 6.47 24.40 -23.97
N PHE B 186 5.55 24.24 -24.91
CA PHE B 186 5.90 24.14 -26.32
C PHE B 186 4.71 24.56 -27.15
N LYS B 187 4.94 24.80 -28.44
CA LYS B 187 3.93 25.42 -29.30
C LYS B 187 2.67 24.58 -29.36
N GLY B 188 2.82 23.27 -29.55
CA GLY B 188 1.65 22.39 -29.73
C GLY B 188 1.03 21.86 -28.45
N TYR B 189 1.30 22.51 -27.31
CA TYR B 189 0.76 22.05 -26.05
C TYR B 189 -0.74 22.23 -26.04
N LYS B 190 -1.23 23.35 -26.55
CA LYS B 190 -2.66 23.58 -26.51
C LYS B 190 -3.37 22.68 -27.50
N ALA B 191 -2.76 22.44 -28.66
CA ALA B 191 -3.31 21.53 -29.67
C ALA B 191 -3.34 20.10 -29.15
N SER B 192 -2.35 19.72 -28.35
CA SER B 192 -2.33 18.39 -27.74
C SER B 192 -3.48 18.21 -26.76
N LYS B 193 -3.75 19.22 -25.95
CA LYS B 193 -4.85 19.18 -25.00
C LYS B 193 -6.19 19.10 -25.73
N GLU B 194 -6.32 19.85 -26.83
CA GLU B 194 -7.52 19.80 -27.63
C GLU B 194 -7.75 18.43 -28.28
N ALA B 195 -6.68 17.81 -28.77
CA ALA B 195 -6.76 16.46 -29.28
C ALA B 195 -7.22 15.49 -28.19
N ARG B 196 -6.65 15.60 -27.00
CA ARG B 196 -7.00 14.75 -25.88
C ARG B 196 -8.44 14.93 -25.47
N ARG B 197 -8.92 16.17 -25.47
CA ARG B 197 -10.32 16.43 -25.12
C ARG B 197 -11.28 15.82 -26.15
N ARG B 198 -10.94 15.88 -27.43
CA ARG B 198 -11.79 15.25 -28.42
C ARG B 198 -11.89 13.75 -28.20
N VAL B 199 -10.76 13.09 -27.94
CA VAL B 199 -10.78 11.65 -27.80
C VAL B 199 -11.44 11.26 -26.48
N GLU B 200 -11.17 12.01 -25.42
CA GLU B 200 -11.78 11.73 -24.13
C GLU B 200 -13.31 11.84 -24.21
N ASP B 201 -13.81 12.90 -24.85
CA ASP B 201 -15.25 13.07 -24.98
C ASP B 201 -15.87 11.89 -25.72
N TRP B 202 -15.23 11.47 -26.79
CA TRP B 202 -15.72 10.36 -27.58
C TRP B 202 -15.79 9.06 -26.78
N LEU B 203 -14.74 8.75 -26.02
CA LEU B 203 -14.72 7.50 -25.26
C LEU B 203 -15.70 7.58 -24.06
N GLU B 204 -15.81 8.75 -23.42
CA GLU B 204 -16.72 8.87 -22.28
C GLU B 204 -18.17 8.57 -22.69
N GLU B 205 -18.59 9.01 -23.86
CA GLU B 205 -19.93 8.69 -24.30
C GLU B 205 -20.11 7.21 -24.59
N GLN B 206 -19.08 6.55 -25.10
CA GLN B 206 -19.15 5.09 -25.26
C GLN B 206 -19.35 4.39 -23.92
N ILE B 207 -18.65 4.85 -22.89
CA ILE B 207 -18.75 4.26 -21.56
C ILE B 207 -20.11 4.52 -20.96
N ILE B 208 -20.62 5.72 -21.16
CA ILE B 208 -21.95 6.05 -20.64
C ILE B 208 -23.02 5.24 -21.33
N GLU B 209 -22.97 5.19 -22.66
CA GLU B 209 -23.91 4.42 -23.43
C GLU B 209 -23.82 2.93 -23.10
N THR B 210 -22.63 2.46 -22.78
CA THR B 210 -22.46 1.06 -22.34
C THR B 210 -23.12 0.87 -20.98
N ARG B 211 -22.88 1.79 -20.05
CA ARG B 211 -23.46 1.66 -18.72
C ARG B 211 -24.98 1.83 -18.73
N LYS B 212 -25.52 2.62 -19.64
CA LYS B 212 -26.97 2.73 -19.74
C LYS B 212 -27.60 1.58 -20.52
N GLY B 213 -26.81 0.76 -21.19
CA GLY B 213 -27.36 -0.37 -21.96
C GLY B 213 -27.74 -0.05 -23.39
N ASN B 214 -27.34 1.10 -23.92
CA ASN B 214 -27.66 1.45 -25.31
C ASN B 214 -26.76 0.78 -26.32
N ILE B 215 -25.52 0.50 -25.94
CA ILE B 215 -24.61 -0.33 -26.75
C ILE B 215 -24.15 -1.50 -25.91
N HIS B 216 -23.75 -2.57 -26.60
CA HIS B 216 -23.33 -3.82 -25.93
C HIS B 216 -21.99 -4.31 -26.47
N PRO B 217 -20.89 -3.73 -26.01
CA PRO B 217 -19.58 -4.22 -26.43
C PRO B 217 -19.38 -5.65 -25.97
N PRO B 218 -18.59 -6.44 -26.69
CA PRO B 218 -18.42 -7.84 -26.30
C PRO B 218 -17.72 -7.97 -24.95
N GLU B 219 -18.13 -9.00 -24.20
CA GLU B 219 -17.48 -9.32 -22.95
C GLU B 219 -16.01 -9.60 -23.21
N GLY B 220 -15.16 -9.14 -22.29
CA GLY B 220 -13.73 -9.31 -22.44
C GLY B 220 -13.01 -8.20 -23.21
N THR B 221 -13.75 -7.29 -23.85
CA THR B 221 -13.12 -6.12 -24.45
C THR B 221 -12.86 -5.05 -23.39
N ALA B 222 -11.92 -4.16 -23.68
CA ALA B 222 -11.59 -3.09 -22.79
C ALA B 222 -12.80 -2.24 -22.45
N LEU B 223 -13.60 -1.89 -23.45
CA LEU B 223 -14.75 -1.05 -23.19
C LEU B 223 -15.70 -1.71 -22.20
N TYR B 224 -16.02 -2.98 -22.43
CA TYR B 224 -16.91 -3.69 -21.56
C TYR B 224 -16.33 -3.81 -20.15
N GLU B 225 -15.09 -4.25 -20.06
CA GLU B 225 -14.50 -4.56 -18.76
C GLU B 225 -14.33 -3.28 -17.94
N PHE B 226 -13.91 -2.19 -18.59
CA PHE B 226 -13.69 -0.95 -17.89
C PHE B 226 -15.02 -0.32 -17.45
N ALA B 227 -16.03 -0.38 -18.33
CA ALA B 227 -17.31 0.20 -17.99
C ALA B 227 -17.97 -0.47 -16.80
N HIS B 228 -17.80 -1.78 -16.65
CA HIS B 228 -18.44 -2.54 -15.59
C HIS B 228 -17.56 -2.78 -14.36
N TRP B 229 -16.30 -2.36 -14.40
CA TRP B 229 -15.37 -2.67 -13.31
C TRP B 229 -15.74 -1.89 -12.06
N GLU B 230 -15.57 -2.52 -10.93
CA GLU B 230 -15.58 -1.85 -9.61
C GLU B 230 -14.23 -2.00 -8.92
N ASP B 231 -13.76 -0.94 -8.26
CA ASP B 231 -12.50 -1.02 -7.53
C ASP B 231 -12.66 -1.81 -6.22
N TYR B 232 -11.55 -2.00 -5.50
CA TYR B 232 -11.55 -2.84 -4.31
C TYR B 232 -12.44 -2.32 -3.19
N LEU B 233 -12.85 -1.06 -3.27
CA LEU B 233 -13.79 -0.45 -2.34
C LEU B 233 -15.24 -0.53 -2.81
N GLY B 234 -15.51 -1.17 -3.94
CA GLY B 234 -16.86 -1.27 -4.48
C GLY B 234 -17.31 -0.17 -5.42
N ASN B 235 -16.41 0.76 -5.78
CA ASN B 235 -16.75 1.89 -6.61
C ASN B 235 -16.27 1.73 -8.06
N PRO B 236 -17.17 1.92 -9.02
CA PRO B 236 -16.72 2.02 -10.39
C PRO B 236 -15.98 3.33 -10.65
N MET B 237 -15.19 3.35 -11.72
CA MET B 237 -14.53 4.59 -12.10
C MET B 237 -15.59 5.56 -12.59
N ASP B 238 -15.43 6.83 -12.24
CA ASP B 238 -16.28 7.83 -12.85
C ASP B 238 -16.08 7.83 -14.36
N SER B 239 -17.09 8.31 -15.08
CA SER B 239 -17.09 8.16 -16.53
C SER B 239 -15.87 8.82 -17.17
N ARG B 240 -15.42 9.97 -16.65
CA ARG B 240 -14.29 10.65 -17.26
C ARG B 240 -12.99 9.90 -17.01
N THR B 241 -12.78 9.46 -15.78
CA THR B 241 -11.58 8.69 -15.44
C THR B 241 -11.59 7.35 -16.16
N CYS B 242 -12.75 6.75 -16.27
CA CYS B 242 -12.87 5.51 -16.99
C CYS B 242 -12.50 5.70 -18.48
N ALA B 243 -12.90 6.83 -19.07
CA ALA B 243 -12.57 7.11 -20.47
C ALA B 243 -11.05 7.34 -20.65
N ILE B 244 -10.41 7.98 -19.65
CA ILE B 244 -8.99 8.25 -19.72
C ILE B 244 -8.22 6.92 -19.70
N ASP B 245 -8.57 6.06 -18.77
CA ASP B 245 -7.84 4.78 -18.69
C ASP B 245 -8.22 3.81 -19.77
N LEU B 246 -9.45 3.91 -20.28
CA LEU B 246 -9.81 3.20 -21.53
C LEU B 246 -8.88 3.61 -22.70
N MET B 247 -8.52 4.87 -22.80
CA MET B 247 -7.65 5.29 -23.87
C MET B 247 -6.26 4.70 -23.68
N ASN B 248 -5.84 4.53 -22.42
CA ASN B 248 -4.55 3.93 -22.12
C ASN B 248 -4.48 2.49 -22.51
N THR B 249 -5.59 1.88 -22.91
CA THR B 249 -5.58 0.54 -23.41
C THR B 249 -5.35 0.44 -24.95
N PHE B 250 -5.48 1.54 -25.71
CA PHE B 250 -5.22 1.40 -27.15
C PHE B 250 -4.50 2.56 -27.83
N ARG B 251 -4.45 3.73 -27.18
CA ARG B 251 -3.55 4.77 -27.67
C ARG B 251 -2.10 4.28 -27.85
N PRO B 252 -1.52 3.60 -26.86
CA PRO B 252 -0.15 3.14 -27.04
C PRO B 252 -0.03 1.96 -28.00
N LEU B 253 -1.11 1.23 -28.20
CA LEU B 253 -1.20 0.28 -29.29
C LEU B 253 -1.02 0.97 -30.66
N ILE B 254 -1.72 2.08 -30.84
CA ILE B 254 -1.55 2.89 -32.04
C ILE B 254 -0.11 3.41 -32.17
N ALA B 255 0.53 3.72 -31.04
CA ALA B 255 1.91 4.17 -31.00
C ALA B 255 2.92 3.17 -31.47
N ILE B 256 2.53 1.91 -31.63
CA ILE B 256 3.39 0.89 -32.25
C ILE B 256 3.81 1.28 -33.66
N ASN B 257 3.08 2.22 -34.30
CA ASN B 257 3.48 2.74 -35.61
C ASN B 257 4.92 3.25 -35.63
N ARG B 258 5.39 3.76 -34.49
CA ARG B 258 6.77 4.15 -34.36
C ARG B 258 7.72 2.96 -34.55
N PHE B 259 7.37 1.82 -33.94
CA PHE B 259 8.20 0.64 -34.07
C PHE B 259 8.06 -0.04 -35.43
N VAL B 260 6.93 0.12 -36.10
CA VAL B 260 6.78 -0.37 -37.46
C VAL B 260 7.75 0.39 -38.38
N SER B 261 7.79 1.71 -38.25
CA SER B 261 8.68 2.54 -39.03
C SER B 261 10.14 2.14 -38.73
N PHE B 262 10.47 1.98 -37.45
CA PHE B 262 11.82 1.56 -37.07
C PHE B 262 12.12 0.13 -37.55
N GLY B 263 11.13 -0.76 -37.53
CA GLY B 263 11.36 -2.15 -37.96
C GLY B 263 11.69 -2.25 -39.47
N LEU B 264 10.95 -1.51 -40.32
CA LEU B 264 11.29 -1.49 -41.74
C LEU B 264 12.66 -0.84 -41.96
N HIS B 265 12.95 0.21 -41.19
CA HIS B 265 14.28 0.82 -41.18
C HIS B 265 15.38 -0.21 -40.92
N ALA B 266 15.21 -1.01 -39.88
CA ALA B 266 16.17 -2.03 -39.56
C ALA B 266 16.28 -3.08 -40.64
N MET B 267 15.15 -3.50 -41.20
CA MET B 267 15.16 -4.50 -42.26
C MET B 267 15.88 -3.96 -43.51
N ASN B 268 15.73 -2.66 -43.78
CA ASN B 268 16.40 -2.05 -44.93
C ASN B 268 17.92 -1.96 -44.69
N GLU B 269 18.35 -1.71 -43.47
CA GLU B 269 19.79 -1.61 -43.16
C GLU B 269 20.44 -2.97 -42.99
N ASN B 270 19.67 -4.00 -42.69
CA ASN B 270 20.19 -5.34 -42.45
C ASN B 270 19.44 -6.34 -43.31
N PRO B 271 19.74 -6.38 -44.63
CA PRO B 271 18.97 -7.20 -45.57
C PRO B 271 18.87 -8.66 -45.24
N ILE B 272 19.82 -9.24 -44.49
CA ILE B 272 19.71 -10.67 -44.16
C ILE B 272 18.47 -10.92 -43.28
N THR B 273 18.05 -9.93 -42.50
CA THR B 273 16.91 -10.14 -41.59
C THR B 273 15.62 -10.52 -42.33
N ARG B 274 15.43 -9.99 -43.55
CA ARG B 274 14.27 -10.35 -44.34
C ARG B 274 14.23 -11.83 -44.64
N GLU B 275 15.35 -12.37 -45.12
CA GLU B 275 15.42 -13.81 -45.41
C GLU B 275 15.27 -14.64 -44.12
N LYS B 276 15.80 -14.17 -43.01
CA LYS B 276 15.63 -14.89 -41.75
C LYS B 276 14.18 -14.88 -41.26
N ILE B 277 13.51 -13.77 -41.41
CA ILE B 277 12.08 -13.71 -40.99
C ILE B 277 11.22 -14.66 -41.83
N LYS B 278 11.56 -14.84 -43.10
CA LYS B 278 10.85 -15.80 -43.95
C LYS B 278 11.07 -17.24 -43.61
N SER B 279 12.31 -17.63 -43.34
CA SER B 279 12.66 -19.05 -43.22
C SER B 279 12.66 -19.61 -41.81
N GLU B 280 12.86 -18.76 -40.79
CA GLU B 280 12.93 -19.24 -39.39
C GLU B 280 11.72 -18.75 -38.61
N PRO B 281 10.86 -19.67 -38.15
CA PRO B 281 9.57 -19.27 -37.57
C PRO B 281 9.68 -18.41 -36.31
N ASP B 282 10.65 -18.69 -35.45
CA ASP B 282 10.86 -17.89 -34.24
C ASP B 282 11.67 -16.62 -34.44
N TYR B 283 12.17 -16.36 -35.64
CA TYR B 283 13.04 -15.21 -35.87
C TYR B 283 12.30 -13.91 -35.73
N ALA B 284 11.05 -13.86 -36.17
CA ALA B 284 10.26 -12.62 -36.08
C ALA B 284 10.20 -12.08 -34.65
N TYR B 285 10.08 -12.99 -33.69
CA TYR B 285 10.12 -12.62 -32.28
C TYR B 285 11.43 -11.93 -31.92
N LYS B 286 12.56 -12.52 -32.34
CA LYS B 286 13.88 -11.99 -32.01
C LYS B 286 14.09 -10.64 -32.67
N PHE B 287 13.66 -10.50 -33.93
CA PHE B 287 13.73 -9.25 -34.66
C PHE B 287 12.93 -8.19 -33.93
N ALA B 288 11.72 -8.52 -33.51
CA ALA B 288 10.86 -7.53 -32.85
C ALA B 288 11.53 -7.05 -31.56
N GLN B 289 12.06 -7.99 -30.77
CA GLN B 289 12.77 -7.63 -29.55
C GLN B 289 13.95 -6.69 -29.81
N GLU B 290 14.72 -6.96 -30.86
CA GLU B 290 15.91 -6.18 -31.12
C GLU B 290 15.56 -4.79 -31.65
N VAL B 291 14.40 -4.66 -32.32
CA VAL B 291 13.94 -3.33 -32.70
C VAL B 291 13.60 -2.53 -31.46
N ARG B 292 12.89 -3.13 -30.50
CA ARG B 292 12.54 -2.42 -29.24
C ARG B 292 13.78 -2.06 -28.41
N ARG B 293 14.80 -2.93 -28.43
CA ARG B 293 16.05 -2.61 -27.72
C ARG B 293 16.86 -1.50 -28.40
N TYR B 294 16.97 -1.56 -29.72
CA TYR B 294 17.95 -0.80 -30.43
C TYR B 294 17.47 0.64 -30.70
N TYR B 295 16.19 0.83 -31.01
CA TYR B 295 15.76 2.15 -31.44
C TYR B 295 15.30 3.01 -30.27
N PRO B 296 15.45 4.35 -30.38
CA PRO B 296 15.06 5.22 -29.32
C PRO B 296 13.56 5.54 -29.30
N PHE B 297 12.94 5.42 -28.15
CA PHE B 297 11.57 5.81 -27.96
C PHE B 297 11.44 6.51 -26.59
N VAL B 298 11.40 5.73 -25.52
CA VAL B 298 11.33 6.28 -24.19
C VAL B 298 12.75 6.64 -23.70
N PRO B 299 13.02 7.93 -23.39
CA PRO B 299 14.38 8.29 -23.01
C PRO B 299 14.73 7.87 -21.58
N PHE B 300 13.80 8.14 -20.67
CA PHE B 300 14.01 7.92 -19.26
C PHE B 300 12.66 8.09 -18.55
N LEU B 301 12.60 7.63 -17.30
CA LEU B 301 11.40 7.64 -16.51
C LEU B 301 11.63 8.31 -15.16
N PRO B 302 10.69 9.18 -14.72
CA PRO B 302 10.91 9.92 -13.50
C PRO B 302 10.35 9.26 -12.24
N GLY B 303 11.10 9.35 -11.16
CA GLY B 303 10.66 8.84 -9.84
C GLY B 303 11.24 9.72 -8.74
N LYS B 304 11.08 9.29 -7.49
CA LYS B 304 11.53 10.08 -6.34
C LYS B 304 11.95 9.14 -5.22
N ALA B 305 13.08 9.43 -4.62
CA ALA B 305 13.62 8.59 -3.54
C ALA B 305 12.77 8.78 -2.28
N LYS B 306 12.23 7.69 -1.76
CA LYS B 306 11.41 7.75 -0.53
C LYS B 306 12.28 7.76 0.75
N VAL B 307 13.49 7.21 0.64
CA VAL B 307 14.43 7.15 1.75
C VAL B 307 15.83 7.44 1.22
N ASP B 308 16.81 7.56 2.13
CA ASP B 308 18.20 7.52 1.73
C ASP B 308 18.48 6.19 1.07
N ILE B 309 19.14 6.22 -0.08
CA ILE B 309 19.46 4.99 -0.81
C ILE B 309 20.95 4.91 -1.01
N ASP B 310 21.57 3.86 -0.50
CA ASP B 310 22.98 3.60 -0.80
C ASP B 310 23.08 2.79 -2.07
N PHE B 311 23.65 3.39 -3.09
CA PHE B 311 23.56 2.87 -4.44
C PHE B 311 24.86 3.15 -5.18
N GLN B 312 25.54 2.07 -5.59
CA GLN B 312 26.78 2.13 -6.40
C GLN B 312 27.77 3.12 -5.79
N GLY B 313 27.99 2.99 -4.48
CA GLY B 313 28.99 3.77 -3.79
C GLY B 313 28.62 5.17 -3.38
N VAL B 314 27.43 5.65 -3.72
CA VAL B 314 27.00 6.97 -3.32
C VAL B 314 25.73 6.84 -2.50
N THR B 315 25.36 7.93 -1.84
CA THR B 315 24.09 7.97 -1.10
C THR B 315 23.14 8.90 -1.86
N ILE B 316 22.01 8.35 -2.27
CA ILE B 316 20.94 9.15 -2.89
C ILE B 316 20.06 9.67 -1.74
N PRO B 317 19.99 10.98 -1.54
CA PRO B 317 19.21 11.50 -0.42
C PRO B 317 17.71 11.34 -0.62
N ALA B 318 17.01 11.08 0.47
CA ALA B 318 15.57 11.02 0.41
C ALA B 318 14.99 12.30 -0.17
N GLY B 319 13.97 12.16 -1.01
CA GLY B 319 13.28 13.31 -1.62
C GLY B 319 13.87 13.83 -2.93
N VAL B 320 15.06 13.39 -3.31
CA VAL B 320 15.64 13.82 -4.59
C VAL B 320 14.93 13.06 -5.72
N GLY B 321 14.83 13.71 -6.88
CA GLY B 321 14.25 13.05 -8.05
C GLY B 321 15.15 11.92 -8.57
N LEU B 322 14.53 10.93 -9.23
CA LEU B 322 15.22 9.84 -9.82
C LEU B 322 14.81 9.73 -11.30
N ALA B 323 15.78 9.40 -12.15
CA ALA B 323 15.53 9.16 -13.57
C ALA B 323 16.13 7.82 -13.96
N LEU B 324 15.28 6.83 -14.25
CA LEU B 324 15.75 5.55 -14.76
C LEU B 324 16.08 5.75 -16.24
N ASP B 325 17.31 5.46 -16.61
CA ASP B 325 17.83 5.70 -17.97
C ASP B 325 17.41 4.54 -18.85
N VAL B 326 16.32 4.70 -19.59
CA VAL B 326 15.81 3.62 -20.41
C VAL B 326 16.73 3.39 -21.61
N TYR B 327 17.00 4.43 -22.37
CA TYR B 327 17.88 4.30 -23.55
C TYR B 327 19.26 3.82 -23.14
N GLY B 328 19.79 4.36 -22.05
CA GLY B 328 21.08 3.96 -21.55
C GLY B 328 21.15 2.49 -21.14
N THR B 329 20.07 1.98 -20.55
CA THR B 329 20.05 0.61 -20.11
C THR B 329 19.93 -0.35 -21.32
N THR B 330 19.10 -0.02 -22.29
CA THR B 330 18.98 -0.82 -23.49
C THR B 330 20.23 -0.76 -24.38
N HIS B 331 21.13 0.18 -24.11
CA HIS B 331 22.38 0.30 -24.84
C HIS B 331 23.59 0.20 -23.93
N ASP B 332 23.43 -0.52 -22.81
CA ASP B 332 24.47 -0.73 -21.85
C ASP B 332 25.45 -1.82 -22.32
N GLU B 333 26.71 -1.43 -22.47
CA GLU B 333 27.76 -2.35 -22.93
C GLU B 333 27.94 -3.53 -21.99
N SER B 334 27.69 -3.38 -20.70
CA SER B 334 27.85 -4.50 -19.78
C SER B 334 26.64 -5.46 -19.80
N LEU B 335 25.55 -5.09 -20.46
CA LEU B 335 24.37 -5.96 -20.58
C LEU B 335 24.20 -6.49 -22.00
N TRP B 336 24.60 -5.70 -23.00
CA TRP B 336 24.40 -6.07 -24.39
C TRP B 336 25.76 -5.96 -25.10
N ASP B 337 26.27 -7.09 -25.55
CA ASP B 337 27.48 -7.12 -26.31
C ASP B 337 27.32 -6.30 -27.60
N ASP B 338 28.19 -5.31 -27.78
CA ASP B 338 28.13 -4.43 -28.94
C ASP B 338 26.74 -3.77 -29.02
N PRO B 339 26.41 -2.91 -28.06
CA PRO B 339 25.02 -2.43 -27.97
C PRO B 339 24.53 -1.60 -29.16
N ASN B 340 25.43 -1.01 -29.93
CA ASN B 340 25.05 -0.23 -31.09
C ASN B 340 25.07 -1.02 -32.39
N GLU B 341 25.04 -2.35 -32.32
CA GLU B 341 24.87 -3.22 -33.47
C GLU B 341 23.48 -3.89 -33.41
N PHE B 342 22.81 -3.94 -34.55
CA PHE B 342 21.49 -4.56 -34.64
C PHE B 342 21.69 -6.06 -34.87
N ARG B 343 21.34 -6.85 -33.89
CA ARG B 343 21.70 -8.26 -33.87
C ARG B 343 20.58 -9.06 -33.21
N PRO B 344 19.56 -9.43 -33.98
CA PRO B 344 18.43 -10.13 -33.38
C PRO B 344 18.78 -11.45 -32.72
N GLU B 345 19.89 -12.08 -33.14
CA GLU B 345 20.29 -13.35 -32.53
C GLU B 345 20.71 -13.22 -31.09
N ARG B 346 20.92 -12.01 -30.60
CA ARG B 346 21.24 -11.87 -29.18
C ARG B 346 20.08 -12.34 -28.31
N PHE B 347 18.85 -12.36 -28.86
CA PHE B 347 17.71 -12.86 -28.12
C PHE B 347 17.55 -14.39 -28.17
N GLU B 348 18.51 -15.08 -28.76
CA GLU B 348 18.53 -16.53 -28.68
C GLU B 348 18.93 -16.98 -27.26
N THR B 349 19.74 -16.18 -26.56
CA THR B 349 20.23 -16.57 -25.24
C THR B 349 19.91 -15.55 -24.12
N TRP B 350 19.01 -14.60 -24.37
CA TRP B 350 18.56 -13.68 -23.34
C TRP B 350 17.73 -14.42 -22.30
N ASP B 351 18.09 -14.30 -21.03
CA ASP B 351 17.44 -15.06 -19.97
C ASP B 351 16.08 -14.49 -19.55
N GLY B 352 15.59 -13.42 -20.19
CA GLY B 352 14.31 -12.90 -19.86
C GLY B 352 14.27 -12.04 -18.62
N SER B 353 15.40 -11.46 -18.22
CA SER B 353 15.45 -10.63 -17.04
C SER B 353 14.47 -9.43 -17.13
N PRO B 354 13.78 -9.12 -16.03
CA PRO B 354 12.92 -7.94 -16.01
C PRO B 354 13.63 -6.60 -16.02
N PHE B 355 14.96 -6.62 -15.98
CA PHE B 355 15.73 -5.40 -15.64
C PHE B 355 16.78 -4.97 -16.67
N ASP B 356 16.92 -5.68 -17.79
CA ASP B 356 17.83 -5.22 -18.83
C ASP B 356 17.10 -4.69 -20.08
N LEU B 357 16.21 -5.49 -20.63
CA LEU B 357 15.39 -5.09 -21.78
C LEU B 357 14.20 -4.32 -21.22
N ILE B 358 14.38 -3.00 -21.08
CA ILE B 358 13.36 -2.17 -20.47
C ILE B 358 12.85 -1.01 -21.35
N PRO B 359 12.74 -1.21 -22.69
CA PRO B 359 12.24 -0.08 -23.49
C PRO B 359 10.83 0.35 -23.12
N GLN B 360 10.06 -0.53 -22.46
CA GLN B 360 8.71 -0.21 -22.01
C GLN B 360 8.61 -0.41 -20.52
N GLY B 361 9.70 -0.14 -19.81
CA GLY B 361 9.73 -0.24 -18.38
C GLY B 361 10.29 -1.58 -17.92
N GLY B 362 10.56 -1.64 -16.62
CA GLY B 362 11.07 -2.83 -15.99
C GLY B 362 10.21 -3.29 -14.85
N GLY B 363 10.70 -4.27 -14.10
CA GLY B 363 9.99 -4.74 -12.91
C GLY B 363 8.86 -5.69 -13.26
N ASP B 364 7.86 -5.71 -12.38
CA ASP B 364 6.77 -6.67 -12.44
C ASP B 364 5.53 -5.98 -13.04
N TYR B 365 4.82 -6.69 -13.91
CA TYR B 365 3.61 -6.11 -14.55
C TYR B 365 2.56 -5.74 -13.50
N TRP B 366 2.39 -6.59 -12.47
CA TRP B 366 1.26 -6.44 -11.56
C TRP B 366 1.52 -5.50 -10.41
N THR B 367 2.77 -5.39 -9.95
CA THR B 367 3.05 -4.55 -8.80
C THR B 367 3.89 -3.31 -9.14
N ASN B 368 4.37 -3.22 -10.37
CA ASN B 368 5.13 -2.03 -10.77
C ASN B 368 4.36 -1.34 -11.90
N HIS B 369 4.84 -0.17 -12.29
CA HIS B 369 4.22 0.58 -13.37
C HIS B 369 4.63 0.10 -14.76
N ARG B 370 5.21 -1.08 -14.86
CA ARG B 370 5.68 -1.65 -16.10
C ARG B 370 4.55 -1.69 -17.13
N CYS B 371 4.91 -1.45 -18.38
CA CYS B 371 3.94 -1.43 -19.48
C CYS B 371 3.05 -2.65 -19.51
N ALA B 372 1.74 -2.41 -19.56
CA ALA B 372 0.77 -3.48 -19.64
C ALA B 372 0.68 -4.12 -21.03
N GLY B 373 1.11 -3.40 -22.06
CA GLY B 373 0.92 -3.85 -23.41
C GLY B 373 2.16 -4.36 -24.08
N GLU B 374 3.13 -4.78 -23.28
CA GLU B 374 4.35 -5.28 -23.85
C GLU B 374 4.13 -6.50 -24.74
N TRP B 375 3.25 -7.41 -24.35
CA TRP B 375 2.99 -8.58 -25.14
C TRP B 375 2.28 -8.22 -26.44
N ILE B 376 1.32 -7.33 -26.37
CA ILE B 376 0.63 -6.83 -27.58
C ILE B 376 1.63 -6.19 -28.52
N THR B 377 2.60 -5.44 -27.99
CA THR B 377 3.59 -4.76 -28.80
C THR B 377 4.43 -5.77 -29.59
N VAL B 378 4.88 -6.82 -28.92
CA VAL B 378 5.70 -7.82 -29.58
C VAL B 378 4.87 -8.58 -30.62
N ILE B 379 3.62 -8.92 -30.28
CA ILE B 379 2.77 -9.68 -31.19
C ILE B 379 2.55 -8.89 -32.48
N ILE B 380 2.19 -7.61 -32.34
CA ILE B 380 1.85 -6.80 -33.48
C ILE B 380 3.09 -6.57 -34.34
N MET B 381 4.25 -6.41 -33.71
N MET B 381 4.25 -6.39 -33.72
CA MET B 381 5.48 -6.29 -34.45
CA MET B 381 5.49 -6.28 -34.46
C MET B 381 5.83 -7.58 -35.19
C MET B 381 5.84 -7.57 -35.20
N GLU B 382 5.64 -8.72 -34.56
CA GLU B 382 5.89 -9.99 -35.24
C GLU B 382 5.06 -10.10 -36.50
N GLU B 383 3.75 -9.87 -36.39
CA GLU B 383 2.87 -10.01 -37.54
C GLU B 383 3.13 -8.97 -38.61
N THR B 384 3.41 -7.73 -38.21
CA THR B 384 3.71 -6.69 -39.17
C THR B 384 5.02 -6.97 -39.90
N MET B 385 6.05 -7.40 -39.18
CA MET B 385 7.32 -7.67 -39.86
C MET B 385 7.23 -8.92 -40.74
N LYS B 386 6.50 -9.94 -40.30
N LYS B 386 6.49 -9.94 -40.32
CA LYS B 386 6.25 -11.10 -41.14
CA LYS B 386 6.28 -11.10 -41.17
C LYS B 386 5.60 -10.67 -42.45
C LYS B 386 5.56 -10.71 -42.46
N TYR B 387 4.61 -9.77 -42.38
CA TYR B 387 3.92 -9.30 -43.58
C TYR B 387 4.88 -8.62 -44.55
N PHE B 388 5.63 -7.63 -44.07
CA PHE B 388 6.49 -6.88 -44.94
C PHE B 388 7.63 -7.70 -45.47
N ALA B 389 8.03 -8.73 -44.74
CA ALA B 389 9.11 -9.60 -45.19
C ALA B 389 8.67 -10.69 -46.15
N GLU B 390 7.44 -11.13 -46.07
CA GLU B 390 7.02 -12.38 -46.77
C GLU B 390 5.93 -12.16 -47.79
N LYS B 391 5.00 -11.25 -47.51
CA LYS B 391 3.78 -11.14 -48.35
C LYS B 391 3.87 -10.13 -49.48
N ILE B 392 4.78 -9.17 -49.36
CA ILE B 392 4.98 -8.18 -50.38
C ILE B 392 6.45 -7.99 -50.64
N THR B 393 6.78 -7.51 -51.84
CA THR B 393 8.06 -6.90 -52.12
C THR B 393 7.85 -5.43 -52.32
N TYR B 394 8.89 -4.64 -52.08
CA TYR B 394 8.80 -3.19 -52.17
C TYR B 394 10.20 -2.62 -52.24
N ASP B 395 10.27 -1.37 -52.70
CA ASP B 395 11.51 -0.61 -52.84
C ASP B 395 11.54 0.54 -51.87
N VAL B 396 12.74 0.88 -51.42
CA VAL B 396 12.92 2.00 -50.50
C VAL B 396 13.58 3.11 -51.32
N PRO B 397 12.82 4.13 -51.74
CA PRO B 397 13.37 5.19 -52.56
C PRO B 397 14.32 6.11 -51.80
N GLU B 398 15.02 6.95 -52.56
CA GLU B 398 15.92 7.94 -51.96
C GLU B 398 15.11 8.87 -51.09
N GLN B 399 15.59 9.09 -49.85
CA GLN B 399 14.87 9.82 -48.84
C GLN B 399 15.78 10.02 -47.62
N ASP B 400 15.27 10.79 -46.66
CA ASP B 400 15.98 11.06 -45.43
C ASP B 400 15.64 9.96 -44.40
N LEU B 401 16.55 8.99 -44.27
CA LEU B 401 16.34 7.85 -43.38
C LEU B 401 16.93 8.07 -42.00
N GLU B 402 17.44 9.26 -41.72
CA GLU B 402 18.11 9.52 -40.46
C GLU B 402 17.16 9.37 -39.28
N VAL B 403 17.65 8.68 -38.26
CA VAL B 403 17.03 8.70 -36.95
C VAL B 403 17.94 9.53 -36.05
N ASP B 404 17.52 10.76 -35.74
CA ASP B 404 18.35 11.71 -35.03
C ASP B 404 18.33 11.39 -33.55
N LEU B 405 19.44 10.86 -33.05
CA LEU B 405 19.54 10.51 -31.63
C LEU B 405 19.52 11.69 -30.68
N ASN B 406 19.81 12.89 -31.17
CA ASN B 406 19.78 14.08 -30.33
C ASN B 406 18.37 14.71 -30.21
N SER B 407 17.36 14.11 -30.81
CA SER B 407 16.02 14.70 -30.89
C SER B 407 14.99 13.72 -30.32
N ILE B 408 14.44 14.05 -29.17
CA ILE B 408 13.33 13.31 -28.56
C ILE B 408 12.05 13.90 -29.14
N PRO B 409 11.12 13.06 -29.63
CA PRO B 409 11.15 11.59 -29.67
C PRO B 409 11.89 11.06 -30.90
N GLY B 410 12.27 9.78 -30.87
CA GLY B 410 12.97 9.19 -31.98
C GLY B 410 12.04 8.90 -33.13
N TYR B 411 12.42 9.37 -34.32
CA TYR B 411 11.66 9.16 -35.56
C TYR B 411 12.61 8.95 -36.73
N VAL B 412 12.17 8.16 -37.70
CA VAL B 412 12.76 8.22 -39.02
C VAL B 412 12.30 9.54 -39.67
N LYS B 413 13.22 10.36 -40.13
CA LYS B 413 12.90 11.71 -40.58
C LYS B 413 11.79 11.72 -41.66
N SER B 414 11.89 10.83 -42.64
CA SER B 414 10.90 10.75 -43.69
C SER B 414 9.65 9.99 -43.28
N GLY B 415 9.66 9.36 -42.10
CA GLY B 415 8.62 8.43 -41.76
C GLY B 415 8.75 7.04 -42.35
N PHE B 416 9.81 6.81 -43.13
CA PHE B 416 10.07 5.63 -43.89
C PHE B 416 9.08 5.42 -45.03
N VAL B 417 9.52 5.76 -46.25
CA VAL B 417 8.66 5.71 -47.44
C VAL B 417 9.06 4.49 -48.26
N ILE B 418 8.07 3.72 -48.74
CA ILE B 418 8.29 2.66 -49.66
C ILE B 418 7.49 2.91 -50.93
N LYS B 419 7.88 2.21 -52.00
CA LYS B 419 7.20 2.32 -53.28
C LYS B 419 7.29 1.00 -53.99
N ASN B 420 6.57 0.88 -55.11
CA ASN B 420 6.59 -0.30 -55.95
C ASN B 420 6.21 -1.54 -55.14
N VAL B 421 5.17 -1.42 -54.34
CA VAL B 421 4.71 -2.54 -53.53
C VAL B 421 4.08 -3.58 -54.46
N ARG B 422 4.41 -4.85 -54.23
CA ARG B 422 3.90 -5.96 -55.07
C ARG B 422 3.70 -7.17 -54.19
N GLU B 423 2.48 -7.69 -54.18
CA GLU B 423 2.22 -8.95 -53.47
C GLU B 423 3.02 -10.07 -54.00
N VAL B 424 3.51 -10.94 -53.11
CA VAL B 424 4.23 -12.14 -53.49
C VAL B 424 3.16 -13.22 -53.63
N VAL B 425 2.93 -13.68 -54.85
CA VAL B 425 1.96 -14.75 -55.13
C VAL B 425 2.58 -15.75 -56.09
N ASP B 426 2.52 -17.03 -55.71
CA ASP B 426 2.90 -18.10 -56.61
C ASP B 426 1.66 -18.48 -57.40
N ARG B 427 1.64 -18.08 -58.69
CA ARG B 427 0.51 -18.34 -59.56
C ARG B 427 0.72 -19.52 -60.50
N THR B 428 1.80 -20.26 -60.31
CA THR B 428 2.10 -21.44 -61.14
C THR B 428 1.40 -22.69 -60.64
CHA HEM C . -10.55 -2.93 30.65
CHB HEM C . -8.09 -3.39 26.55
CHC HEM C . -6.31 1.04 27.01
CHD HEM C . -8.49 1.42 31.29
C1A HEM C . -10.10 -3.42 29.45
C2A HEM C . -10.48 -4.69 28.87
C3A HEM C . -9.76 -4.83 27.73
C4A HEM C . -8.97 -3.63 27.57
CMA HEM C . -9.79 -6.00 26.78
CAA HEM C . -11.41 -5.73 29.49
CBA HEM C . -12.85 -5.61 28.94
CGA HEM C . -13.75 -6.61 29.68
O1A HEM C . -14.92 -6.86 29.31
O2A HEM C . -13.28 -7.21 30.67
C1B HEM C . -7.31 -2.28 26.38
C2B HEM C . -6.30 -2.14 25.35
C3B HEM C . -5.78 -0.91 25.44
C4B HEM C . -6.47 -0.25 26.57
CMB HEM C . -5.92 -3.21 24.34
CAB HEM C . -4.64 -0.43 24.57
CBB HEM C . -3.74 0.42 25.03
C1C HEM C . -6.80 1.59 28.17
C2C HEM C . -6.55 2.92 28.67
C3C HEM C . -7.15 3.04 29.87
C4C HEM C . -7.77 1.76 30.14
CMC HEM C . -5.79 3.96 27.85
CAC HEM C . -7.26 4.19 30.83
CBC HEM C . -6.94 5.47 30.49
C1D HEM C . -9.20 0.24 31.47
C2D HEM C . -9.94 -0.08 32.71
C3D HEM C . -10.50 -1.27 32.54
C4D HEM C . -10.13 -1.71 31.19
CMD HEM C . -10.00 0.75 33.92
CAD HEM C . -11.36 -2.08 33.54
CBD HEM C . -12.81 -1.67 33.38
CGD HEM C . -13.76 -2.56 34.17
O1D HEM C . -14.95 -2.16 34.31
O2D HEM C . -13.35 -3.63 34.65
NA HEM C . -9.23 -2.78 28.60
NB HEM C . -7.39 -1.12 27.06
NC HEM C . -7.54 0.94 29.09
ND HEM C . -9.36 -0.73 30.56
FE HEM C . -8.43 -0.90 28.82
O1 DCR D . -4.40 -3.32 31.35
C1 DCR D . -3.49 -3.04 30.55
O2 DCR D . -2.33 -2.91 30.97
C2 DCR D . -3.78 -2.79 29.04
C3 DCR D . -3.46 -4.01 28.23
C4 DCR D . -4.75 -4.70 27.84
C5 DCR D . -5.04 -5.88 28.77
C6 DCR D . -4.90 -7.21 28.04
C7 DCR D . -5.85 -8.24 28.69
C8 DCR D . -5.50 -9.65 28.22
C9 DCR D . -6.30 -10.63 29.03
C10 DCR D . -6.02 -12.05 28.61
C11 DCR D . -7.08 -12.94 29.18
C12 DCR D . -6.66 -14.40 29.16
C13 DCR D . -7.81 -15.24 29.71
C14 DCR D . -7.51 -16.72 29.68
C15 DCR D . -8.75 -17.48 29.22
C16 DCR D . -8.36 -18.82 28.61
C17 DCR D . -9.51 -19.39 27.79
C18 DCR D . -8.99 -20.09 26.54
C19 DCR D . -9.92 -19.73 25.40
C20 DCR D . -9.52 -20.50 24.16
CHA HEM E . 3.24 2.08 -19.38
CHB HEM E . 6.22 2.25 -23.19
CHC HEM E . 2.79 0.16 -25.86
CHD HEM E . -0.28 0.23 -22.13
C1A HEM E . 4.37 2.27 -20.15
C2A HEM E . 5.61 2.83 -19.67
C3A HEM E . 6.46 2.86 -20.72
C4A HEM E . 5.74 2.30 -21.87
CMA HEM E . 7.87 3.41 -20.74
CAA HEM E . 5.92 3.31 -18.24
CBA HEM E . 6.66 2.25 -17.39
CGA HEM E . 6.86 2.81 -16.00
O1A HEM E . 7.58 2.19 -15.20
O2A HEM E . 6.30 3.89 -15.65
C1B HEM E . 5.50 1.80 -24.30
C2B HEM E . 5.94 1.86 -25.67
C3B HEM E . 4.97 1.26 -26.41
C4B HEM E . 3.95 0.82 -25.49
CMB HEM E . 7.26 2.49 -26.18
CAB HEM E . 4.83 1.06 -27.90
CBB HEM E . 5.55 1.68 -28.76
C1C HEM E . 1.68 -0.10 -25.09
C2C HEM E . 0.50 -0.83 -25.50
C3C HEM E . -0.39 -0.79 -24.43
C4C HEM E . 0.26 -0.05 -23.39
CMC HEM E . 0.34 -1.51 -26.86
CAC HEM E . -1.74 -1.40 -24.26
CBC HEM E . -2.24 -2.33 -25.07
C1D HEM E . 0.44 0.77 -21.08
C2D HEM E . -0.14 1.06 -19.77
C3D HEM E . 0.81 1.58 -19.01
C4D HEM E . 2.01 1.60 -19.84
CMD HEM E . -1.59 0.87 -19.39
CAD HEM E . 0.69 2.09 -17.56
CBD HEM E . 0.97 0.95 -16.58
CGD HEM E . 1.07 1.47 -15.16
O1D HEM E . 1.04 0.62 -14.25
O2D HEM E . 1.20 2.71 -14.91
NA HEM E . 4.50 1.89 -21.46
NB HEM E . 4.35 1.11 -24.24
NC HEM E . 1.50 0.30 -23.82
ND HEM E . 1.75 1.08 -21.08
FE HEM E . 3.03 1.05 -22.61
O1 DCR F . 1.36 6.30 -23.87
C1 DCR F . 1.61 6.24 -25.08
O2 DCR F . 0.91 6.89 -25.87
C2 DCR F . 2.75 5.34 -25.62
C3 DCR F . 4.07 6.09 -25.64
C4 DCR F . 5.04 5.43 -24.70
C5 DCR F . 5.14 6.27 -23.43
C6 DCR F . 6.23 7.34 -23.57
C7 DCR F . 6.42 8.04 -22.23
C8 DCR F . 7.62 8.98 -22.25
C9 DCR F . 7.61 9.78 -20.96
C10 DCR F . 8.94 10.42 -20.72
C11 DCR F . 8.85 11.24 -19.43
C12 DCR F . 9.96 12.24 -19.32
C13 DCR F . 10.13 12.69 -17.90
C14 DCR F . 11.16 13.78 -17.80
C15 DCR F . 12.06 13.64 -16.57
C16 DCR F . 13.23 14.62 -16.70
C17 DCR F . 14.47 14.11 -15.99
C18 DCR F . 15.75 14.52 -16.68
C19 DCR F . 16.79 13.39 -16.50
C20 DCR F . 17.90 13.52 -17.52
NA NA G . 12.94 -4.18 -55.49
#